data_9JC6
#
_entry.id   9JC6
#
_cell.length_a   1.00
_cell.length_b   1.00
_cell.length_c   1.00
_cell.angle_alpha   90.00
_cell.angle_beta   90.00
_cell.angle_gamma   90.00
#
_symmetry.space_group_name_H-M   'P 1'
#
loop_
_entity.id
_entity.type
_entity.pdbx_description
1 polymer 'Histone H3.1'
2 polymer 'Histone H4'
3 polymer 'Histone H2A type 1-B/E'
4 polymer 'Isoform 2 of Histone H2B type F-M'
5 polymer '147-mer DNA'
6 polymer '147-mer DNA'
#
loop_
_entity_poly.entity_id
_entity_poly.type
_entity_poly.pdbx_seq_one_letter_code
_entity_poly.pdbx_strand_id
1 'polypeptide(L)'
;ARTKQTARKSTGGKAPRKQLATKAARKSAPATGGVKKPHRYRPGTVALREIRRYQKSTELLIRKLPFQRLVREIAQDFKT
DLRFQSSAVMALQEACEAYLVGLFEDTNLCAIHAKRVTIMPKDIQLARRIRGERA
;
A,E
2 'polypeptide(L)'
;SGRGKGGKGLGKGGAKRHRKVLRDNIQGITKPAIRRLARRGGVKRISGLIYEETRGVLKVFLENVIRDAVTYTEHAKRKT
VTAMDVVYALKRQGRTLYGFGG
;
B,F
3 'polypeptide(L)'
;SGRGKQGGKARAKAKTRSSRAGLQFPVGRVHRLLRKGNYSERVGAGAPVYLAAVLEYLTAEILELAGNAARDNKKTRIIP
RHLQLAIRNDEELNKLLGRVTIAQGGVLPNIQAVLLPKKTESHHKAKGK
;
C,G
4 'polypeptide(L)'
;AEASSETTSEEGQSIQEPKEANSTKAQKQKRRGCRGSRRRHANRRGDSFGDSFTPYFPRVLKQVHQGLSLSQEAVSVMDS
MIHDILDRIATEAGQLAHYTKRVTITSRDIQMAVRLLLPGKMGKLAEAQGTNAALRTSLCAIWQQRK
;
D,H
5 'polydeoxyribonucleotide'
;(DA)(DT)(DC)(DG)(DA)(DG)(DA)(DA)(DT)(DC)(DC)(DC)(DG)(DG)(DT)(DG)(DC)(DC)(DG)(DA)
(DG)(DG)(DC)(DC)(DG)(DC)(DT)(DC)(DA)(DA)(DT)(DT)(DG)(DG)(DT)(DC)(DG)(DT)(DA)(DG)
(DA)(DC)(DA)(DG)(DC)(DT)(DC)(DT)(DA)(DG)(DC)(DA)(DC)(DC)(DG)(DC)(DT)(DT)(DA)(DA)
(DA)(DC)(DG)(DC)(DA)(DC)(DG)(DT)(DA)(DC)(DG)(DC)(DG)(DC)(DT)(DG)(DT)(DC)(DC)(DC)
(DC)(DC)(DG)(DC)(DG)(DT)(DT)(DT)(DT)(DA)(DA)(DC)(DC)(DG)(DC)(DC)(DA)(DA)(DG)(DG)
(DG)(DG)(DA)(DT)(DT)(DA)(DC)(DT)(DC)(DC)(DC)(DT)(DA)(DG)(DT)(DC)(DT)(DC)(DC)(DA)
(DG)(DG)(DC)(DA)(DC)(DG)(DT)(DG)(DT)(DC)(DA)(DG)(DA)(DT)(DA)(DT)(DA)(DT)(DA)(DC)
(DA)(DT)(DC)(DC)(DG)(DA)(DT)
;
I
6 'polydeoxyribonucleotide'
;(DA)(DT)(DC)(DG)(DG)(DA)(DT)(DG)(DT)(DA)(DT)(DA)(DT)(DA)(DT)(DC)(DT)(DG)(DA)(DC)
(DA)(DC)(DG)(DT)(DG)(DC)(DC)(DT)(DG)(DG)(DA)(DG)(DA)(DC)(DT)(DA)(DG)(DG)(DG)(DA)
(DG)(DT)(DA)(DA)(DT)(DC)(DC)(DC)(DC)(DT)(DT)(DG)(DG)(DC)(DG)(DG)(DT)(DT)(DA)(DA)
(DA)(DA)(DC)(DG)(DC)(DG)(DG)(DG)(DG)(DG)(DA)(DC)(DA)(DG)(DC)(DG)(DC)(DG)(DT)(DA)
(DC)(DG)(DT)(DG)(DC)(DG)(DT)(DT)(DT)(DA)(DA)(DG)(DC)(DG)(DG)(DT)(DG)(DC)(DT)(DA)
(DG)(DA)(DG)(DC)(DT)(DG)(DT)(DC)(DT)(DA)(DC)(DG)(DA)(DC)(DC)(DA)(DA)(DT)(DT)(DG)
(DA)(DG)(DC)(DG)(DG)(DC)(DC)(DT)(DC)(DG)(DG)(DC)(DA)(DC)(DC)(DG)(DG)(DG)(DA)(DT)
(DT)(DC)(DT)(DC)(DG)(DA)(DT)
;
J
#
# COMPACT_ATOMS: atom_id res chain seq x y z
N PRO A 38 -17.29 -47.60 -22.95
CA PRO A 38 -18.12 -47.05 -21.85
C PRO A 38 -17.28 -46.48 -20.73
N HIS A 39 -15.99 -46.31 -20.98
CA HIS A 39 -15.09 -45.77 -19.97
C HIS A 39 -15.42 -44.32 -19.66
N ARG A 40 -15.19 -43.93 -18.41
CA ARG A 40 -15.42 -42.57 -17.97
C ARG A 40 -14.56 -42.30 -16.75
N TYR A 41 -13.93 -41.13 -16.71
CA TYR A 41 -13.03 -40.80 -15.62
C TYR A 41 -13.81 -40.62 -14.32
N ARG A 42 -13.12 -40.87 -13.21
CA ARG A 42 -13.71 -40.61 -11.90
C ARG A 42 -13.94 -39.12 -11.73
N PRO A 43 -15.06 -38.71 -11.13
CA PRO A 43 -15.30 -37.27 -10.92
C PRO A 43 -14.20 -36.64 -10.07
N GLY A 44 -13.66 -35.53 -10.57
CA GLY A 44 -12.60 -34.83 -9.86
C GLY A 44 -11.26 -34.89 -10.56
N THR A 45 -10.94 -36.02 -11.18
CA THR A 45 -9.63 -36.18 -11.80
C THR A 45 -9.42 -35.19 -12.93
N VAL A 46 -10.44 -34.98 -13.77
CA VAL A 46 -10.31 -34.01 -14.85
C VAL A 46 -10.05 -32.63 -14.29
N ALA A 47 -10.65 -32.31 -13.14
CA ALA A 47 -10.38 -31.03 -12.50
C ALA A 47 -8.92 -30.91 -12.11
N LEU A 48 -8.35 -31.96 -11.52
CA LEU A 48 -6.93 -31.95 -11.18
C LEU A 48 -6.07 -31.77 -12.43
N ARG A 49 -6.41 -32.47 -13.50
CA ARG A 49 -5.59 -32.39 -14.71
C ARG A 49 -5.64 -31.00 -15.31
N GLU A 50 -6.82 -30.39 -15.36
CA GLU A 50 -6.90 -29.04 -15.91
C GLU A 50 -6.28 -28.02 -14.96
N ILE A 51 -6.27 -28.31 -13.66
CA ILE A 51 -5.51 -27.47 -12.73
C ILE A 51 -4.04 -27.49 -13.11
N ARG A 52 -3.47 -28.69 -13.23
CA ARG A 52 -2.06 -28.81 -13.59
C ARG A 52 -1.77 -28.11 -14.91
N ARG A 53 -2.66 -28.28 -15.89
CA ARG A 53 -2.46 -27.65 -17.19
C ARG A 53 -2.46 -26.13 -17.07
N TYR A 54 -3.58 -25.56 -16.62
CA TYR A 54 -3.72 -24.11 -16.55
C TYR A 54 -2.79 -23.45 -15.55
N GLN A 55 -2.13 -24.23 -14.69
CA GLN A 55 -1.09 -23.67 -13.85
C GLN A 55 0.28 -23.77 -14.52
N LYS A 56 0.50 -24.80 -15.34
CA LYS A 56 1.74 -24.88 -16.10
C LYS A 56 1.77 -23.90 -17.25
N SER A 57 0.63 -23.66 -17.90
CA SER A 57 0.57 -22.76 -19.04
C SER A 57 0.55 -21.31 -18.55
N THR A 58 0.60 -20.36 -19.47
CA THR A 58 0.73 -18.96 -19.10
C THR A 58 -0.18 -18.03 -19.90
N GLU A 59 -0.74 -18.53 -21.00
CA GLU A 59 -1.54 -17.68 -21.88
C GLU A 59 -2.83 -17.24 -21.18
N LEU A 60 -3.48 -16.25 -21.78
CA LEU A 60 -4.71 -15.70 -21.21
C LEU A 60 -5.81 -16.75 -21.20
N LEU A 61 -6.89 -16.44 -20.48
CA LEU A 61 -7.99 -17.37 -20.33
C LEU A 61 -9.35 -16.81 -20.72
N ILE A 62 -9.50 -15.50 -20.81
CA ILE A 62 -10.76 -14.89 -21.21
C ILE A 62 -10.67 -14.50 -22.67
N ARG A 63 -11.75 -14.79 -23.41
CA ARG A 63 -11.78 -14.44 -24.83
C ARG A 63 -11.60 -12.94 -25.02
N LYS A 64 -10.78 -12.58 -26.00
CA LYS A 64 -10.40 -11.18 -26.17
C LYS A 64 -11.61 -10.29 -26.42
N LEU A 65 -12.31 -10.52 -27.52
CA LEU A 65 -13.41 -9.64 -27.92
C LEU A 65 -14.48 -9.45 -26.85
N PRO A 66 -14.91 -10.47 -26.10
CA PRO A 66 -15.86 -10.18 -25.00
C PRO A 66 -15.30 -9.23 -23.96
N PHE A 67 -14.08 -9.47 -23.51
CA PHE A 67 -13.46 -8.57 -22.53
C PHE A 67 -13.33 -7.17 -23.08
N GLN A 68 -12.99 -7.05 -24.37
CA GLN A 68 -12.83 -5.73 -24.97
C GLN A 68 -14.16 -5.01 -25.06
N ARG A 69 -15.21 -5.73 -25.49
CA ARG A 69 -16.55 -5.14 -25.48
C ARG A 69 -16.95 -4.70 -24.08
N LEU A 70 -16.57 -5.48 -23.08
CA LEU A 70 -16.92 -5.13 -21.70
C LEU A 70 -16.22 -3.85 -21.28
N VAL A 71 -14.92 -3.76 -21.55
CA VAL A 71 -14.19 -2.53 -21.23
C VAL A 71 -14.81 -1.35 -21.94
N ARG A 72 -15.19 -1.52 -23.21
CA ARG A 72 -15.84 -0.46 -23.95
C ARG A 72 -17.11 -0.01 -23.24
N GLU A 73 -18.05 -0.93 -23.03
CA GLU A 73 -19.34 -0.57 -22.46
C GLU A 73 -19.21 -0.02 -21.05
N ILE A 74 -18.16 -0.39 -20.33
CA ILE A 74 -17.97 0.10 -18.97
C ILE A 74 -17.19 1.42 -18.95
N ALA A 75 -16.57 1.80 -20.06
CA ALA A 75 -15.84 3.05 -20.10
C ALA A 75 -16.67 4.21 -20.64
N GLN A 76 -17.55 3.93 -21.59
CA GLN A 76 -18.24 5.01 -22.30
C GLN A 76 -19.07 5.87 -21.36
N ASP A 77 -19.49 5.33 -20.22
CA ASP A 77 -20.28 6.11 -19.28
C ASP A 77 -19.41 7.05 -18.47
N PHE A 78 -18.12 6.73 -18.28
CA PHE A 78 -17.22 7.66 -17.63
C PHE A 78 -16.90 8.83 -18.54
N LYS A 79 -16.62 8.55 -19.81
CA LYS A 79 -16.47 9.59 -20.82
C LYS A 79 -16.79 8.97 -22.18
N THR A 80 -17.66 9.64 -22.92
CA THR A 80 -18.14 9.10 -24.19
C THR A 80 -17.10 9.24 -25.28
N ASP A 81 -17.21 8.36 -26.28
CA ASP A 81 -16.43 8.44 -27.52
C ASP A 81 -14.93 8.41 -27.23
N LEU A 82 -14.48 7.28 -26.70
CA LEU A 82 -13.08 7.08 -26.40
C LEU A 82 -12.47 6.05 -27.34
N ARG A 83 -11.15 5.96 -27.32
CA ARG A 83 -10.41 4.96 -28.08
C ARG A 83 -9.46 4.23 -27.16
N PHE A 84 -9.06 3.03 -27.57
CA PHE A 84 -8.21 2.18 -26.74
C PHE A 84 -7.12 1.57 -27.59
N GLN A 85 -5.87 1.80 -27.21
CA GLN A 85 -4.76 1.09 -27.81
C GLN A 85 -4.88 -0.40 -27.47
N SER A 86 -4.68 -1.24 -28.49
CA SER A 86 -4.78 -2.68 -28.27
C SER A 86 -3.91 -3.13 -27.10
N SER A 87 -2.72 -2.57 -26.98
CA SER A 87 -1.87 -2.90 -25.84
C SER A 87 -2.51 -2.50 -24.52
N ALA A 88 -3.28 -1.41 -24.51
CA ALA A 88 -3.94 -1.00 -23.27
C ALA A 88 -5.01 -2.00 -22.84
N VAL A 89 -5.84 -2.44 -23.77
CA VAL A 89 -6.86 -3.43 -23.40
C VAL A 89 -6.19 -4.75 -23.05
N MET A 90 -5.05 -5.07 -23.67
CA MET A 90 -4.31 -6.26 -23.27
C MET A 90 -3.81 -6.13 -21.84
N ALA A 91 -3.37 -4.94 -21.46
CA ALA A 91 -2.92 -4.72 -20.09
C ALA A 91 -4.07 -4.86 -19.11
N LEU A 92 -5.24 -4.30 -19.45
CA LEU A 92 -6.43 -4.53 -18.64
C LEU A 92 -6.70 -6.01 -18.47
N GLN A 93 -6.62 -6.76 -19.58
CA GLN A 93 -6.86 -8.20 -19.53
C GLN A 93 -5.90 -8.87 -18.57
N GLU A 94 -4.61 -8.58 -18.69
CA GLU A 94 -3.61 -9.23 -17.85
C GLU A 94 -3.83 -8.90 -16.38
N ALA A 95 -4.06 -7.62 -16.08
CA ALA A 95 -4.28 -7.21 -14.70
C ALA A 95 -5.51 -7.89 -14.12
N CYS A 96 -6.58 -7.97 -14.90
CA CYS A 96 -7.81 -8.57 -14.38
C CYS A 96 -7.62 -10.07 -14.17
N GLU A 97 -6.93 -10.75 -15.09
CA GLU A 97 -6.65 -12.16 -14.90
C GLU A 97 -5.85 -12.38 -13.62
N ALA A 98 -4.82 -11.57 -13.40
CA ALA A 98 -4.00 -11.74 -12.19
C ALA A 98 -4.82 -11.48 -10.93
N TYR A 99 -5.64 -10.43 -10.93
CA TYR A 99 -6.44 -10.12 -9.76
C TYR A 99 -7.43 -11.25 -9.48
N LEU A 100 -8.09 -11.75 -10.52
CA LEU A 100 -9.06 -12.81 -10.32
C LEU A 100 -8.40 -14.09 -9.83
N VAL A 101 -7.23 -14.44 -10.38
CA VAL A 101 -6.60 -15.68 -9.96
C VAL A 101 -6.10 -15.56 -8.52
N GLY A 102 -5.62 -14.38 -8.13
CA GLY A 102 -5.23 -14.18 -6.74
C GLY A 102 -6.42 -14.31 -5.80
N LEU A 103 -7.51 -13.62 -6.14
CA LEU A 103 -8.71 -13.73 -5.31
C LEU A 103 -9.22 -15.15 -5.26
N PHE A 104 -9.06 -15.91 -6.34
CA PHE A 104 -9.56 -17.27 -6.36
C PHE A 104 -8.71 -18.20 -5.50
N GLU A 105 -7.39 -18.10 -5.57
CA GLU A 105 -6.58 -18.93 -4.70
C GLU A 105 -6.82 -18.55 -3.23
N ASP A 106 -7.04 -17.27 -2.95
CA ASP A 106 -7.35 -16.86 -1.60
C ASP A 106 -8.68 -17.45 -1.13
N THR A 107 -9.72 -17.32 -1.94
CA THR A 107 -11.01 -17.87 -1.56
C THR A 107 -10.98 -19.39 -1.50
N ASN A 108 -10.04 -20.03 -2.22
CA ASN A 108 -9.89 -21.47 -2.10
C ASN A 108 -9.32 -21.83 -0.74
N LEU A 109 -8.27 -21.13 -0.32
CA LEU A 109 -7.78 -21.29 1.05
C LEU A 109 -8.92 -21.09 2.05
N CYS A 110 -9.73 -20.06 1.82
CA CYS A 110 -10.87 -19.79 2.69
C CYS A 110 -11.80 -20.99 2.79
N ALA A 111 -12.33 -21.43 1.65
CA ALA A 111 -13.28 -22.54 1.64
C ALA A 111 -12.67 -23.81 2.22
N ILE A 112 -11.37 -24.00 2.03
CA ILE A 112 -10.71 -25.15 2.65
C ILE A 112 -10.75 -25.03 4.17
N HIS A 113 -10.51 -23.82 4.68
CA HIS A 113 -10.48 -23.60 6.12
C HIS A 113 -11.76 -24.04 6.80
N ALA A 114 -12.88 -24.12 6.07
CA ALA A 114 -14.17 -24.49 6.64
C ALA A 114 -14.55 -25.93 6.29
N LYS A 115 -13.55 -26.79 6.09
CA LYS A 115 -13.70 -28.21 5.83
C LYS A 115 -14.35 -28.51 4.48
N ARG A 116 -14.75 -27.50 3.71
CA ARG A 116 -15.36 -27.73 2.42
C ARG A 116 -14.30 -27.74 1.32
N VAL A 117 -14.72 -28.22 0.15
CA VAL A 117 -13.89 -28.14 -1.06
C VAL A 117 -14.61 -27.43 -2.20
N THR A 118 -15.80 -26.89 -1.96
CA THR A 118 -16.58 -26.21 -2.99
C THR A 118 -16.68 -24.74 -2.60
N ILE A 119 -15.96 -23.88 -3.33
CA ILE A 119 -15.99 -22.47 -3.03
C ILE A 119 -17.40 -21.92 -3.22
N MET A 120 -17.87 -21.16 -2.24
CA MET A 120 -19.19 -20.58 -2.22
C MET A 120 -19.07 -19.07 -2.10
N PRO A 121 -20.10 -18.31 -2.48
CA PRO A 121 -19.99 -16.85 -2.46
C PRO A 121 -19.55 -16.29 -1.12
N LYS A 122 -19.99 -16.89 -0.01
CA LYS A 122 -19.55 -16.44 1.31
C LYS A 122 -18.03 -16.45 1.42
N ASP A 123 -17.38 -17.42 0.79
CA ASP A 123 -15.92 -17.44 0.76
C ASP A 123 -15.39 -16.21 0.04
N ILE A 124 -16.02 -15.83 -1.07
CA ILE A 124 -15.59 -14.64 -1.80
C ILE A 124 -15.73 -13.40 -0.94
N GLN A 125 -16.89 -13.25 -0.29
CA GLN A 125 -17.11 -12.09 0.56
C GLN A 125 -16.08 -12.03 1.68
N LEU A 126 -15.79 -13.17 2.30
CA LEU A 126 -14.81 -13.18 3.38
C LEU A 126 -13.44 -12.80 2.88
N ALA A 127 -13.02 -13.36 1.74
CA ALA A 127 -11.71 -13.03 1.19
C ALA A 127 -11.61 -11.55 0.88
N ARG A 128 -12.66 -10.99 0.27
CA ARG A 128 -12.61 -9.57 -0.08
C ARG A 128 -12.62 -8.69 1.16
N ARG A 129 -13.35 -9.10 2.21
CA ARG A 129 -13.39 -8.29 3.41
C ARG A 129 -12.05 -8.32 4.13
N ILE A 130 -11.42 -9.49 4.21
CA ILE A 130 -10.11 -9.58 4.86
C ILE A 130 -9.07 -8.80 4.06
N ARG A 131 -9.10 -8.94 2.73
CA ARG A 131 -8.21 -8.13 1.91
C ARG A 131 -8.50 -6.63 2.06
N GLY A 132 -9.67 -6.28 2.58
CA GLY A 132 -9.96 -4.90 2.92
C GLY A 132 -10.34 -4.03 1.75
N GLU A 133 -11.46 -4.34 1.10
CA GLU A 133 -12.00 -3.43 0.09
C GLU A 133 -13.51 -3.32 0.18
N ARG A 134 -14.12 -3.81 1.26
CA ARG A 134 -15.56 -3.69 1.46
C ARG A 134 -15.87 -3.30 2.90
N ARG B 23 -25.19 -3.03 -20.36
CA ARG B 23 -26.11 -4.06 -20.82
C ARG B 23 -25.60 -5.46 -20.46
N ASP B 24 -26.07 -6.46 -21.20
CA ASP B 24 -25.67 -7.84 -20.95
C ASP B 24 -24.22 -8.11 -21.36
N ASN B 25 -23.46 -7.10 -21.76
CA ASN B 25 -22.08 -7.31 -22.17
C ASN B 25 -21.25 -7.94 -21.07
N ILE B 26 -21.65 -7.82 -19.81
CA ILE B 26 -20.92 -8.46 -18.72
C ILE B 26 -20.95 -9.97 -18.87
N GLN B 27 -22.01 -10.51 -19.48
CA GLN B 27 -22.08 -11.95 -19.72
C GLN B 27 -21.02 -12.44 -20.69
N GLY B 28 -20.27 -11.54 -21.32
CA GLY B 28 -19.15 -11.96 -22.14
C GLY B 28 -18.13 -12.78 -21.37
N ILE B 29 -17.99 -12.50 -20.08
CA ILE B 29 -17.14 -13.31 -19.23
C ILE B 29 -17.94 -14.56 -18.84
N THR B 30 -17.81 -15.60 -19.66
CA THR B 30 -18.74 -16.72 -19.57
C THR B 30 -18.35 -17.67 -18.44
N LYS B 31 -19.21 -18.66 -18.23
CA LYS B 31 -19.00 -19.63 -17.15
C LYS B 31 -17.71 -20.41 -17.32
N PRO B 32 -17.46 -21.11 -18.44
CA PRO B 32 -16.21 -21.88 -18.55
C PRO B 32 -14.97 -21.01 -18.50
N ALA B 33 -15.08 -19.74 -18.89
CA ALA B 33 -13.93 -18.84 -18.79
C ALA B 33 -13.46 -18.72 -17.35
N ILE B 34 -14.34 -18.22 -16.48
CA ILE B 34 -13.97 -18.10 -15.08
C ILE B 34 -13.78 -19.46 -14.44
N ARG B 35 -14.36 -20.52 -15.00
CA ARG B 35 -14.05 -21.86 -14.51
C ARG B 35 -12.59 -22.18 -14.70
N ARG B 36 -12.08 -22.02 -15.92
CA ARG B 36 -10.65 -22.22 -16.18
C ARG B 36 -9.82 -21.27 -15.34
N LEU B 37 -10.30 -20.05 -15.15
CA LEU B 37 -9.60 -19.08 -14.33
C LEU B 37 -9.41 -19.62 -12.91
N ALA B 38 -10.49 -20.08 -12.30
CA ALA B 38 -10.42 -20.66 -10.97
C ALA B 38 -9.56 -21.92 -10.96
N ARG B 39 -9.58 -22.69 -12.04
CA ARG B 39 -8.70 -23.85 -12.14
C ARG B 39 -7.25 -23.43 -11.99
N ARG B 40 -6.85 -22.42 -12.77
CA ARG B 40 -5.51 -21.87 -12.61
C ARG B 40 -5.31 -21.36 -11.18
N GLY B 41 -6.37 -20.83 -10.57
CA GLY B 41 -6.31 -20.49 -9.17
C GLY B 41 -6.11 -21.67 -8.25
N GLY B 42 -6.47 -22.87 -8.70
CA GLY B 42 -6.26 -24.06 -7.90
C GLY B 42 -7.44 -24.50 -7.07
N VAL B 43 -8.60 -24.65 -7.72
CA VAL B 43 -9.80 -25.10 -7.03
C VAL B 43 -10.33 -26.33 -7.75
N LYS B 44 -11.09 -27.14 -7.02
CA LYS B 44 -11.67 -28.35 -7.58
C LYS B 44 -13.16 -28.26 -7.83
N ARG B 45 -13.91 -27.59 -6.94
CA ARG B 45 -15.36 -27.54 -7.05
C ARG B 45 -15.82 -26.08 -7.09
N ILE B 46 -16.87 -25.82 -7.86
CA ILE B 46 -17.41 -24.49 -8.02
C ILE B 46 -18.90 -24.53 -7.69
N SER B 47 -19.39 -23.45 -7.08
CA SER B 47 -20.81 -23.28 -6.82
C SER B 47 -21.41 -22.38 -7.89
N GLY B 48 -22.68 -22.65 -8.23
CA GLY B 48 -23.29 -21.91 -9.32
C GLY B 48 -23.29 -20.41 -9.14
N LEU B 49 -23.43 -19.94 -7.91
CA LEU B 49 -23.51 -18.50 -7.66
C LEU B 49 -22.15 -17.82 -7.76
N ILE B 50 -21.06 -18.58 -7.70
CA ILE B 50 -19.73 -18.03 -7.88
C ILE B 50 -19.65 -17.26 -9.18
N TYR B 51 -20.36 -17.71 -10.20
CA TYR B 51 -20.32 -17.03 -11.50
C TYR B 51 -20.78 -15.59 -11.36
N GLU B 52 -21.97 -15.38 -10.79
CA GLU B 52 -22.49 -14.03 -10.64
C GLU B 52 -21.63 -13.22 -9.68
N GLU B 53 -21.17 -13.83 -8.59
CA GLU B 53 -20.35 -13.09 -7.64
C GLU B 53 -19.07 -12.59 -8.29
N THR B 54 -18.40 -13.44 -9.05
CA THR B 54 -17.17 -13.04 -9.72
C THR B 54 -17.46 -11.99 -10.79
N ARG B 55 -18.58 -12.13 -11.52
CA ARG B 55 -18.94 -11.08 -12.46
C ARG B 55 -19.06 -9.74 -11.76
N GLY B 56 -19.72 -9.71 -10.60
CA GLY B 56 -19.88 -8.47 -9.87
C GLY B 56 -18.55 -7.87 -9.43
N VAL B 57 -17.71 -8.69 -8.79
CA VAL B 57 -16.44 -8.16 -8.28
C VAL B 57 -15.55 -7.72 -9.44
N LEU B 58 -15.59 -8.44 -10.55
CA LEU B 58 -14.81 -8.04 -11.72
C LEU B 58 -15.30 -6.72 -12.27
N LYS B 59 -16.61 -6.53 -12.34
CA LYS B 59 -17.14 -5.27 -12.82
C LYS B 59 -16.70 -4.12 -11.91
N VAL B 60 -16.67 -4.36 -10.61
CA VAL B 60 -16.21 -3.33 -9.68
C VAL B 60 -14.74 -2.99 -9.95
N PHE B 61 -13.90 -4.01 -10.06
CA PHE B 61 -12.48 -3.79 -10.31
C PHE B 61 -12.26 -3.01 -11.60
N LEU B 62 -12.94 -3.43 -12.67
CA LEU B 62 -12.92 -2.65 -13.90
C LEU B 62 -13.27 -1.21 -13.62
N GLU B 63 -14.50 -0.96 -13.16
CA GLU B 63 -14.98 0.39 -12.89
C GLU B 63 -13.89 1.25 -12.25
N ASN B 64 -13.25 0.72 -11.21
CA ASN B 64 -12.21 1.50 -10.52
C ASN B 64 -11.04 1.80 -11.46
N VAL B 65 -10.45 0.76 -12.05
CA VAL B 65 -9.23 0.96 -12.83
C VAL B 65 -9.51 1.83 -14.05
N ILE B 66 -10.64 1.58 -14.71
CA ILE B 66 -11.03 2.36 -15.87
C ILE B 66 -11.27 3.81 -15.48
N ARG B 67 -11.87 4.05 -14.32
CA ARG B 67 -12.06 5.43 -13.88
C ARG B 67 -10.72 6.13 -13.73
N ASP B 68 -9.76 5.48 -13.08
CA ASP B 68 -8.45 6.12 -12.90
C ASP B 68 -7.77 6.36 -14.24
N ALA B 69 -7.84 5.39 -15.15
CA ALA B 69 -7.18 5.53 -16.44
C ALA B 69 -7.81 6.66 -17.26
N VAL B 70 -9.14 6.70 -17.29
CA VAL B 70 -9.81 7.74 -18.06
C VAL B 70 -9.57 9.10 -17.43
N THR B 71 -9.38 9.16 -16.11
CA THR B 71 -9.01 10.42 -15.50
C THR B 71 -7.62 10.87 -15.96
N TYR B 72 -6.67 9.94 -15.96
CA TYR B 72 -5.34 10.24 -16.48
C TYR B 72 -5.43 10.79 -17.90
N THR B 73 -6.16 10.09 -18.77
CA THR B 73 -6.27 10.52 -20.16
C THR B 73 -6.91 11.89 -20.27
N GLU B 74 -8.06 12.07 -19.62
CA GLU B 74 -8.74 13.36 -19.62
C GLU B 74 -7.81 14.48 -19.19
N HIS B 75 -6.93 14.20 -18.22
CA HIS B 75 -5.95 15.20 -17.86
C HIS B 75 -4.96 15.45 -18.99
N ALA B 76 -4.53 14.38 -19.66
CA ALA B 76 -3.60 14.54 -20.77
C ALA B 76 -4.23 15.20 -21.98
N LYS B 77 -5.53 15.53 -21.93
CA LYS B 77 -6.26 16.11 -23.06
C LYS B 77 -6.10 15.25 -24.31
N ARG B 78 -6.57 14.01 -24.19
CA ARG B 78 -6.54 13.05 -25.28
C ARG B 78 -7.89 12.37 -25.41
N LYS B 79 -8.05 11.58 -26.46
CA LYS B 79 -9.26 10.81 -26.67
C LYS B 79 -9.04 9.31 -26.62
N THR B 80 -7.83 8.85 -26.88
CA THR B 80 -7.50 7.44 -26.74
C THR B 80 -7.09 7.15 -25.30
N VAL B 81 -6.71 5.90 -25.05
CA VAL B 81 -6.29 5.47 -23.72
C VAL B 81 -4.97 4.72 -23.91
N THR B 82 -3.86 5.43 -23.69
CA THR B 82 -2.55 4.81 -23.83
C THR B 82 -2.35 3.73 -22.78
N ALA B 83 -1.57 2.71 -23.12
CA ALA B 83 -1.23 1.70 -22.12
C ALA B 83 -0.48 2.31 -20.95
N MET B 84 0.32 3.33 -21.21
CA MET B 84 1.13 3.94 -20.15
C MET B 84 0.25 4.48 -19.03
N ASP B 85 -0.83 5.18 -19.39
CA ASP B 85 -1.71 5.71 -18.35
C ASP B 85 -2.44 4.59 -17.63
N VAL B 86 -2.71 3.47 -18.31
CA VAL B 86 -3.31 2.34 -17.63
C VAL B 86 -2.36 1.77 -16.58
N VAL B 87 -1.09 1.64 -16.94
CA VAL B 87 -0.11 1.17 -15.96
C VAL B 87 0.00 2.17 -14.82
N TYR B 88 -0.07 3.46 -15.13
CA TYR B 88 -0.07 4.46 -14.08
C TYR B 88 -1.24 4.27 -13.13
N ALA B 89 -2.43 4.05 -13.69
CA ALA B 89 -3.62 3.86 -12.86
C ALA B 89 -3.50 2.62 -11.99
N LEU B 90 -3.00 1.52 -12.56
CA LEU B 90 -2.84 0.30 -11.79
C LEU B 90 -1.83 0.50 -10.66
N LYS B 91 -0.67 1.08 -10.99
CA LYS B 91 0.35 1.34 -9.98
C LYS B 91 -0.20 2.19 -8.85
N ARG B 92 -0.89 3.27 -9.19
CA ARG B 92 -1.49 4.13 -8.18
C ARG B 92 -2.57 3.41 -7.39
N GLN B 93 -3.22 2.42 -8.00
CA GLN B 93 -4.27 1.68 -7.32
C GLN B 93 -3.72 0.68 -6.31
N GLY B 94 -2.45 0.32 -6.41
CA GLY B 94 -1.85 -0.58 -5.44
C GLY B 94 -1.17 -1.77 -6.06
N ARG B 95 -1.75 -2.30 -7.14
CA ARG B 95 -1.19 -3.45 -7.83
C ARG B 95 -0.56 -2.96 -9.13
N THR B 96 0.78 -3.01 -9.19
CA THR B 96 1.48 -2.56 -10.38
C THR B 96 1.41 -3.63 -11.45
N LEU B 97 2.05 -3.36 -12.59
CA LEU B 97 2.02 -4.27 -13.73
C LEU B 97 3.24 -4.00 -14.59
N TYR B 98 3.90 -5.07 -15.03
CA TYR B 98 5.11 -4.97 -15.80
C TYR B 98 4.86 -5.38 -17.25
N GLY B 99 5.92 -5.43 -18.04
CA GLY B 99 5.80 -5.89 -19.41
C GLY B 99 5.12 -4.93 -20.34
N PHE B 100 4.89 -3.69 -19.92
CA PHE B 100 4.27 -2.68 -20.76
C PHE B 100 4.95 -1.34 -20.59
N GLY B 101 6.03 -1.32 -19.80
CA GLY B 101 6.76 -0.09 -19.55
C GLY B 101 6.00 0.89 -18.68
N LYS C 15 -5.82 43.93 0.92
CA LYS C 15 -6.52 42.64 0.97
C LYS C 15 -5.56 41.49 0.70
N THR C 16 -5.82 40.35 1.32
CA THR C 16 -5.03 39.15 1.14
C THR C 16 -5.76 38.17 0.24
N ARG C 17 -4.98 37.34 -0.47
CA ARG C 17 -5.58 36.33 -1.34
C ARG C 17 -6.52 35.42 -0.56
N SER C 18 -6.10 35.00 0.63
CA SER C 18 -6.96 34.19 1.47
C SER C 18 -8.27 34.92 1.77
N SER C 19 -8.21 36.22 2.06
CA SER C 19 -9.43 36.99 2.21
C SER C 19 -10.08 37.25 0.87
N ARG C 20 -9.28 37.50 -0.17
CA ARG C 20 -9.83 37.67 -1.51
C ARG C 20 -10.57 36.42 -1.97
N ALA C 21 -10.14 35.24 -1.51
CA ALA C 21 -10.83 34.00 -1.84
C ALA C 21 -12.08 33.78 -1.00
N GLY C 22 -12.32 34.61 0.01
CA GLY C 22 -13.44 34.37 0.90
C GLY C 22 -13.32 33.06 1.66
N LEU C 23 -12.11 32.66 2.02
CA LEU C 23 -11.84 31.40 2.69
C LEU C 23 -11.32 31.64 4.09
N GLN C 24 -10.97 30.55 4.77
CA GLN C 24 -10.42 30.63 6.11
C GLN C 24 -9.00 30.09 6.21
N PHE C 25 -8.49 29.42 5.18
CA PHE C 25 -7.11 29.00 5.34
C PHE C 25 -6.17 30.01 4.71
N PRO C 26 -5.00 30.22 5.30
CA PRO C 26 -4.02 31.15 4.72
C PRO C 26 -3.37 30.54 3.49
N VAL C 27 -3.73 31.06 2.31
CA VAL C 27 -3.16 30.55 1.08
C VAL C 27 -1.66 30.71 1.04
N GLY C 28 -1.11 31.68 1.78
CA GLY C 28 0.33 31.80 1.87
C GLY C 28 0.97 30.57 2.48
N ARG C 29 0.30 29.97 3.47
CA ARG C 29 0.85 28.78 4.11
C ARG C 29 0.94 27.61 3.13
N VAL C 30 -0.16 27.33 2.42
CA VAL C 30 -0.11 26.22 1.47
C VAL C 30 0.81 26.54 0.30
N HIS C 31 0.93 27.82 -0.06
CA HIS C 31 1.89 28.20 -1.09
C HIS C 31 3.31 27.88 -0.67
N ARG C 32 3.68 28.26 0.56
CA ARG C 32 5.00 27.95 1.07
C ARG C 32 5.21 26.45 1.19
N LEU C 33 4.17 25.72 1.60
CA LEU C 33 4.26 24.26 1.68
C LEU C 33 4.57 23.66 0.32
N LEU C 34 3.80 24.02 -0.71
CA LEU C 34 4.04 23.50 -2.04
C LEU C 34 5.43 23.86 -2.52
N ARG C 35 5.82 25.13 -2.40
CA ARG C 35 7.14 25.54 -2.85
C ARG C 35 8.25 24.88 -2.05
N LYS C 36 7.95 24.38 -0.85
CA LYS C 36 8.91 23.63 -0.05
C LYS C 36 8.76 22.13 -0.20
N GLY C 37 7.56 21.65 -0.52
CA GLY C 37 7.34 20.23 -0.69
C GLY C 37 7.97 19.62 -1.93
N ASN C 38 8.62 20.43 -2.77
CA ASN C 38 9.35 19.97 -3.95
C ASN C 38 8.50 19.05 -4.83
N TYR C 39 7.18 19.20 -4.77
CA TYR C 39 6.32 18.41 -5.64
C TYR C 39 6.52 18.76 -7.10
N SER C 40 7.06 19.94 -7.38
CA SER C 40 7.37 20.36 -8.74
C SER C 40 8.41 21.46 -8.68
N GLU C 41 8.92 21.84 -9.85
CA GLU C 41 9.91 22.90 -9.91
C GLU C 41 9.28 24.27 -9.73
N ARG C 42 8.04 24.45 -10.16
CA ARG C 42 7.35 25.72 -10.00
C ARG C 42 5.86 25.44 -9.78
N VAL C 43 5.20 26.36 -9.09
CA VAL C 43 3.80 26.20 -8.74
C VAL C 43 2.95 27.17 -9.54
N GLY C 44 1.69 26.80 -9.73
CA GLY C 44 0.77 27.63 -10.48
C GLY C 44 0.24 28.79 -9.66
N ALA C 45 -0.41 29.72 -10.36
CA ALA C 45 -0.96 30.90 -9.71
C ALA C 45 -2.14 30.55 -8.82
N GLY C 46 -3.19 30.00 -9.42
CA GLY C 46 -4.39 29.67 -8.68
C GLY C 46 -4.37 28.33 -7.99
N ALA C 47 -3.37 27.50 -8.27
CA ALA C 47 -3.24 26.19 -7.63
C ALA C 47 -3.29 26.25 -6.11
N PRO C 48 -2.54 27.12 -5.43
CA PRO C 48 -2.68 27.18 -3.97
C PRO C 48 -4.06 27.61 -3.53
N VAL C 49 -4.74 28.48 -4.28
CA VAL C 49 -6.10 28.88 -3.92
C VAL C 49 -7.03 27.69 -3.99
N TYR C 50 -6.97 26.94 -5.10
CA TYR C 50 -7.81 25.76 -5.24
C TYR C 50 -7.51 24.73 -4.16
N LEU C 51 -6.24 24.56 -3.82
CA LEU C 51 -5.85 23.59 -2.80
C LEU C 51 -6.37 24.01 -1.43
N ALA C 52 -6.25 25.29 -1.11
CA ALA C 52 -6.82 25.79 0.14
C ALA C 52 -8.33 25.58 0.17
N ALA C 53 -8.99 25.78 -0.97
CA ALA C 53 -10.44 25.57 -1.02
C ALA C 53 -10.79 24.12 -0.72
N VAL C 54 -10.12 23.18 -1.36
CA VAL C 54 -10.47 21.78 -1.15
C VAL C 54 -10.12 21.35 0.27
N LEU C 55 -9.03 21.87 0.82
CA LEU C 55 -8.69 21.54 2.21
C LEU C 55 -9.71 22.10 3.17
N GLU C 56 -10.17 23.33 2.94
CA GLU C 56 -11.18 23.91 3.81
C GLU C 56 -12.48 23.14 3.74
N TYR C 57 -12.86 22.69 2.53
CA TYR C 57 -14.08 21.89 2.42
C TYR C 57 -13.95 20.57 3.14
N LEU C 58 -12.79 19.91 3.00
CA LEU C 58 -12.60 18.63 3.70
C LEU C 58 -12.63 18.82 5.20
N THR C 59 -11.99 19.88 5.71
CA THR C 59 -12.04 20.16 7.13
C THR C 59 -13.47 20.41 7.58
N ALA C 60 -14.23 21.19 6.82
CA ALA C 60 -15.62 21.45 7.18
C ALA C 60 -16.42 20.16 7.26
N GLU C 61 -16.24 19.27 6.28
CA GLU C 61 -16.98 18.02 6.29
C GLU C 61 -16.61 17.16 7.50
N ILE C 62 -15.31 16.95 7.71
CA ILE C 62 -14.89 16.07 8.79
C ILE C 62 -15.27 16.68 10.14
N LEU C 63 -15.28 18.00 10.25
CA LEU C 63 -15.63 18.63 11.52
C LEU C 63 -17.13 18.58 11.76
N GLU C 64 -17.93 18.70 10.70
CA GLU C 64 -19.37 18.42 10.83
C GLU C 64 -19.59 17.03 11.38
N LEU C 65 -18.94 16.03 10.77
CA LEU C 65 -19.13 14.65 11.23
C LEU C 65 -18.68 14.47 12.67
N ALA C 66 -17.53 15.05 13.03
CA ALA C 66 -17.02 14.90 14.40
C ALA C 66 -17.92 15.61 15.40
N GLY C 67 -18.37 16.82 15.08
CA GLY C 67 -19.25 17.54 15.97
C GLY C 67 -20.56 16.82 16.19
N ASN C 68 -21.09 16.19 15.14
CA ASN C 68 -22.29 15.38 15.31
C ASN C 68 -22.01 14.19 16.22
N ALA C 69 -20.98 13.41 15.89
CA ALA C 69 -20.63 12.23 16.67
C ALA C 69 -20.17 12.56 18.09
N ALA C 70 -19.95 13.84 18.39
CA ALA C 70 -19.64 14.26 19.75
C ALA C 70 -20.87 14.78 20.49
N ARG C 71 -21.66 15.64 19.84
CA ARG C 71 -22.84 16.20 20.48
C ARG C 71 -23.88 15.13 20.75
N ASP C 72 -24.01 14.14 19.87
CA ASP C 72 -24.92 13.04 20.15
C ASP C 72 -24.48 12.27 21.38
N ASN C 73 -23.19 12.29 21.69
CA ASN C 73 -22.65 11.69 22.90
C ASN C 73 -22.74 12.63 24.11
N LYS C 74 -23.46 13.74 23.96
CA LYS C 74 -23.72 14.67 25.06
C LYS C 74 -22.43 15.29 25.61
N LYS C 75 -21.43 15.46 24.75
CA LYS C 75 -20.17 16.07 25.14
C LYS C 75 -19.87 17.24 24.21
N THR C 76 -19.22 18.27 24.76
CA THR C 76 -18.96 19.50 24.04
C THR C 76 -17.48 19.68 23.69
N ARG C 77 -16.68 18.62 23.81
CA ARG C 77 -15.26 18.68 23.52
C ARG C 77 -14.92 17.59 22.52
N ILE C 78 -14.55 18.00 21.31
CA ILE C 78 -14.16 17.04 20.28
C ILE C 78 -12.82 16.42 20.67
N ILE C 79 -12.80 15.11 20.79
CA ILE C 79 -11.58 14.38 21.13
C ILE C 79 -11.30 13.40 20.00
N PRO C 80 -10.05 12.94 19.85
CA PRO C 80 -9.72 12.02 18.75
C PRO C 80 -10.65 10.82 18.65
N ARG C 81 -11.24 10.38 19.76
CA ARG C 81 -12.29 9.36 19.69
C ARG C 81 -13.40 9.79 18.74
N HIS C 82 -13.81 11.05 18.84
CA HIS C 82 -14.87 11.53 17.96
C HIS C 82 -14.41 11.60 16.51
N LEU C 83 -13.15 11.94 16.28
CA LEU C 83 -12.63 11.91 14.91
C LEU C 83 -12.64 10.49 14.36
N GLN C 84 -12.30 9.51 15.20
CA GLN C 84 -12.38 8.12 14.78
C GLN C 84 -13.80 7.73 14.42
N LEU C 85 -14.75 8.10 15.28
CA LEU C 85 -16.16 7.85 14.97
C LEU C 85 -16.55 8.47 13.63
N ALA C 86 -16.11 9.72 13.40
CA ALA C 86 -16.47 10.41 12.17
C ALA C 86 -15.86 9.74 10.95
N ILE C 87 -14.63 9.26 11.06
CA ILE C 87 -13.96 8.65 9.92
C ILE C 87 -14.53 7.27 9.63
N ARG C 88 -14.65 6.44 10.66
CA ARG C 88 -15.14 5.07 10.46
C ARG C 88 -16.61 5.01 10.12
N ASN C 89 -17.32 6.13 10.09
CA ASN C 89 -18.74 6.17 9.74
C ASN C 89 -18.98 6.96 8.45
N ASP C 90 -18.06 6.83 7.50
CA ASP C 90 -18.23 7.45 6.19
C ASP C 90 -17.36 6.68 5.21
N GLU C 91 -18.00 6.01 4.25
CA GLU C 91 -17.28 5.17 3.31
C GLU C 91 -16.24 5.95 2.52
N GLU C 92 -16.58 7.19 2.13
CA GLU C 92 -15.63 8.00 1.38
C GLU C 92 -14.38 8.29 2.20
N LEU C 93 -14.56 8.85 3.40
CA LEU C 93 -13.42 9.12 4.27
C LEU C 93 -12.65 7.84 4.58
N ASN C 94 -13.37 6.74 4.77
CA ASN C 94 -12.73 5.46 5.03
C ASN C 94 -11.79 5.08 3.88
N LYS C 95 -12.33 4.99 2.67
CA LYS C 95 -11.50 4.69 1.51
C LYS C 95 -10.36 5.69 1.37
N LEU C 96 -10.57 6.93 1.82
CA LEU C 96 -9.49 7.91 1.83
C LEU C 96 -8.53 7.67 2.99
N LEU C 97 -9.05 7.30 4.16
CA LEU C 97 -8.26 7.19 5.39
C LEU C 97 -8.48 5.83 6.04
N GLY C 98 -8.38 4.76 5.26
CA GLY C 98 -8.59 3.43 5.81
C GLY C 98 -7.45 2.98 6.70
N ARG C 99 -6.21 3.23 6.30
CA ARG C 99 -5.05 2.77 7.03
C ARG C 99 -4.61 3.73 8.12
N VAL C 100 -5.54 4.53 8.62
CA VAL C 100 -5.23 5.52 9.65
C VAL C 100 -5.55 4.94 11.02
N THR C 101 -4.65 5.12 11.97
CA THR C 101 -4.84 4.69 13.35
C THR C 101 -4.62 5.92 14.24
N ILE C 102 -5.71 6.58 14.61
CA ILE C 102 -5.63 7.78 15.42
C ILE C 102 -5.29 7.41 16.86
N ALA C 103 -4.41 8.20 17.47
CA ALA C 103 -4.12 8.01 18.88
C ALA C 103 -5.35 8.30 19.73
N GLN C 104 -5.49 7.55 20.81
CA GLN C 104 -6.67 7.62 21.68
C GLN C 104 -7.95 7.36 20.88
N GLY C 105 -7.87 6.42 19.95
CA GLY C 105 -9.03 6.00 19.19
C GLY C 105 -8.84 4.60 18.67
N GLY C 106 -9.58 4.29 17.61
CA GLY C 106 -9.38 3.02 16.92
C GLY C 106 -10.31 1.90 17.32
N VAL C 107 -11.61 2.17 17.37
CA VAL C 107 -12.61 1.13 17.63
C VAL C 107 -13.96 1.63 17.18
N LEU C 108 -14.74 0.73 16.59
CA LEU C 108 -16.11 1.00 16.17
C LEU C 108 -17.03 0.01 16.86
N PRO C 109 -18.05 0.45 17.60
CA PRO C 109 -18.89 -0.50 18.35
C PRO C 109 -19.78 -1.34 17.44
N ASN C 110 -19.45 -2.63 17.31
CA ASN C 110 -20.26 -3.55 16.53
C ASN C 110 -20.00 -4.98 16.97
N ILE C 111 -21.05 -5.79 16.97
CA ILE C 111 -20.98 -7.20 17.32
C ILE C 111 -21.56 -8.00 16.16
N GLN C 112 -20.95 -9.15 15.88
CA GLN C 112 -21.48 -10.02 14.85
C GLN C 112 -22.76 -10.71 15.33
N ALA C 113 -23.53 -11.22 14.37
CA ALA C 113 -24.85 -11.76 14.69
C ALA C 113 -24.75 -13.06 15.49
N VAL C 114 -23.90 -13.99 15.03
CA VAL C 114 -23.83 -15.31 15.65
C VAL C 114 -23.23 -15.29 17.04
N LEU C 115 -22.76 -14.13 17.52
CA LEU C 115 -22.15 -14.07 18.85
C LEU C 115 -23.20 -13.96 19.95
N LEU C 116 -24.32 -13.28 19.68
CA LEU C 116 -25.35 -13.13 20.70
C LEU C 116 -26.13 -14.45 20.86
N PRO C 117 -26.54 -14.78 22.09
CA PRO C 117 -27.29 -16.00 22.35
C PRO C 117 -28.69 -15.98 21.76
N PHE D 49 4.98 29.12 15.79
CA PHE D 49 6.00 28.17 15.36
C PHE D 49 5.37 27.01 14.61
N GLY D 50 6.18 26.31 13.82
CA GLY D 50 5.71 25.19 13.04
C GLY D 50 5.09 25.59 11.72
N ASP D 51 4.47 26.78 11.70
CA ASP D 51 3.83 27.33 10.50
C ASP D 51 2.77 26.37 9.96
N SER D 52 1.74 26.14 10.78
CA SER D 52 0.70 25.18 10.42
C SER D 52 -0.70 25.79 10.54
N PHE D 53 -1.72 24.95 10.45
CA PHE D 53 -3.10 25.39 10.36
C PHE D 53 -3.80 25.51 11.71
N THR D 54 -3.15 25.11 12.80
CA THR D 54 -3.81 25.10 14.11
C THR D 54 -4.45 26.42 14.50
N PRO D 55 -3.92 27.61 14.15
CA PRO D 55 -4.65 28.84 14.47
C PRO D 55 -5.93 29.03 13.69
N TYR D 56 -6.32 28.08 12.85
CA TYR D 56 -7.50 28.23 12.01
C TYR D 56 -8.53 27.13 12.21
N PHE D 57 -8.16 26.01 12.80
CA PHE D 57 -9.14 24.95 13.06
C PHE D 57 -10.29 25.42 13.95
N PRO D 58 -10.08 26.17 15.04
CA PRO D 58 -11.24 26.65 15.80
C PRO D 58 -12.11 27.62 15.01
N ARG D 59 -11.49 28.56 14.28
CA ARG D 59 -12.25 29.63 13.64
C ARG D 59 -13.09 29.15 12.46
N VAL D 60 -13.10 27.85 12.15
CA VAL D 60 -14.01 27.32 11.14
C VAL D 60 -15.23 26.67 11.79
N LEU D 61 -15.16 26.35 13.08
CA LEU D 61 -16.33 25.77 13.76
C LEU D 61 -17.53 26.70 13.67
N LYS D 62 -17.30 28.01 13.81
CA LYS D 62 -18.40 28.98 13.75
C LYS D 62 -19.18 28.88 12.44
N GLN D 63 -18.58 28.31 11.40
CA GLN D 63 -19.30 28.06 10.15
C GLN D 63 -19.90 26.65 10.09
N VAL D 64 -19.60 25.80 11.06
CA VAL D 64 -20.15 24.44 11.07
C VAL D 64 -20.86 24.08 12.36
N HIS D 65 -20.57 24.75 13.49
CA HIS D 65 -21.26 24.50 14.73
C HIS D 65 -21.27 25.80 15.55
N GLN D 66 -21.81 25.72 16.76
CA GLN D 66 -22.02 26.90 17.57
C GLN D 66 -21.26 26.87 18.90
N GLY D 67 -21.41 25.81 19.68
CA GLY D 67 -20.88 25.80 21.02
C GLY D 67 -19.69 24.88 21.24
N LEU D 68 -19.52 23.90 20.36
CA LEU D 68 -18.45 22.94 20.53
C LEU D 68 -17.08 23.62 20.41
N SER D 69 -16.07 22.96 20.97
CA SER D 69 -14.72 23.49 20.98
C SER D 69 -13.73 22.36 20.88
N LEU D 70 -12.57 22.65 20.29
CA LEU D 70 -11.54 21.64 20.08
C LEU D 70 -10.72 21.40 21.32
N SER D 71 -10.40 20.13 21.57
CA SER D 71 -9.49 19.77 22.64
C SER D 71 -8.05 19.97 22.17
N GLN D 72 -7.18 20.35 23.11
CA GLN D 72 -5.78 20.57 22.78
C GLN D 72 -5.12 19.33 22.19
N GLU D 73 -5.67 18.14 22.46
CA GLU D 73 -5.14 16.93 21.86
C GLU D 73 -5.65 16.73 20.44
N ALA D 74 -6.97 16.88 20.25
CA ALA D 74 -7.56 16.59 18.95
C ALA D 74 -7.11 17.58 17.87
N VAL D 75 -6.78 18.81 18.26
CA VAL D 75 -6.38 19.80 17.27
C VAL D 75 -5.08 19.38 16.59
N SER D 76 -4.15 18.80 17.35
CA SER D 76 -2.91 18.32 16.76
C SER D 76 -3.18 17.17 15.80
N VAL D 77 -4.10 16.28 16.16
CA VAL D 77 -4.45 15.17 15.27
C VAL D 77 -5.02 15.71 13.97
N MET D 78 -5.97 16.64 14.07
CA MET D 78 -6.56 17.23 12.87
C MET D 78 -5.50 17.92 12.02
N ASP D 79 -4.56 18.62 12.65
CA ASP D 79 -3.52 19.32 11.92
C ASP D 79 -2.61 18.34 11.19
N SER D 80 -2.20 17.27 11.86
CA SER D 80 -1.36 16.27 11.21
C SER D 80 -2.10 15.60 10.07
N MET D 81 -3.40 15.35 10.24
CA MET D 81 -4.18 14.73 9.17
C MET D 81 -4.30 15.65 7.97
N ILE D 82 -4.48 16.96 8.22
CA ILE D 82 -4.58 17.90 7.12
C ILE D 82 -3.25 18.02 6.39
N HIS D 83 -2.14 18.03 7.14
CA HIS D 83 -0.83 18.02 6.47
C HIS D 83 -0.66 16.77 5.64
N ASP D 84 -1.11 15.62 6.15
CA ASP D 84 -0.96 14.37 5.42
C ASP D 84 -1.78 14.38 4.13
N ILE D 85 -3.02 14.86 4.21
CA ILE D 85 -3.86 14.93 3.01
C ILE D 85 -3.28 15.93 2.01
N LEU D 86 -2.76 17.05 2.52
CA LEU D 86 -2.10 18.01 1.65
C LEU D 86 -0.95 17.36 0.89
N ASP D 87 -0.10 16.63 1.60
CA ASP D 87 1.03 15.96 0.95
C ASP D 87 0.55 14.92 -0.05
N ARG D 88 -0.46 14.12 0.34
CA ARG D 88 -0.92 13.05 -0.53
C ARG D 88 -1.56 13.58 -1.80
N ILE D 89 -2.18 14.76 -1.73
CA ILE D 89 -2.78 15.31 -2.94
C ILE D 89 -1.73 16.06 -3.76
N ALA D 90 -0.75 16.67 -3.11
CA ALA D 90 0.27 17.41 -3.85
C ALA D 90 1.19 16.46 -4.61
N THR D 91 1.55 15.32 -4.01
CA THR D 91 2.40 14.37 -4.71
C THR D 91 1.67 13.79 -5.91
N GLU D 92 0.35 13.57 -5.79
CA GLU D 92 -0.41 13.07 -6.92
C GLU D 92 -0.48 14.11 -8.03
N ALA D 93 -0.71 15.38 -7.68
CA ALA D 93 -0.74 16.42 -8.70
C ALA D 93 0.62 16.54 -9.39
N GLY D 94 1.70 16.44 -8.62
CA GLY D 94 3.03 16.53 -9.22
C GLY D 94 3.32 15.35 -10.14
N GLN D 95 2.96 14.14 -9.70
CA GLN D 95 3.13 12.97 -10.56
C GLN D 95 2.32 13.11 -11.84
N LEU D 96 1.11 13.66 -11.74
CA LEU D 96 0.28 13.85 -12.93
C LEU D 96 0.92 14.86 -13.88
N ALA D 97 1.39 15.99 -13.34
CA ALA D 97 2.05 16.99 -14.18
C ALA D 97 3.29 16.41 -14.83
N HIS D 98 4.02 15.57 -14.12
CA HIS D 98 5.19 14.93 -14.72
C HIS D 98 4.78 13.97 -15.83
N TYR D 99 3.71 13.21 -15.62
CA TYR D 99 3.23 12.30 -16.65
C TYR D 99 2.85 13.07 -17.91
N THR D 100 2.18 14.21 -17.77
CA THR D 100 1.85 15.02 -18.93
C THR D 100 3.03 15.83 -19.44
N LYS D 101 4.23 15.59 -18.93
CA LYS D 101 5.48 16.14 -19.41
C LYS D 101 5.60 17.62 -19.04
N ARG D 102 4.54 18.21 -18.51
CA ARG D 102 4.62 19.55 -17.99
C ARG D 102 5.44 19.56 -16.70
N VAL D 103 5.94 20.74 -16.34
CA VAL D 103 6.67 20.89 -15.10
C VAL D 103 5.95 21.81 -14.11
N THR D 104 5.18 22.78 -14.60
CA THR D 104 4.38 23.61 -13.71
C THR D 104 3.22 22.80 -13.15
N ILE D 105 2.94 23.01 -11.87
CA ILE D 105 1.82 22.36 -11.18
C ILE D 105 0.73 23.41 -11.01
N THR D 106 -0.20 23.46 -11.95
CA THR D 106 -1.18 24.53 -12.02
C THR D 106 -2.49 24.08 -11.39
N SER D 107 -3.51 24.94 -11.49
CA SER D 107 -4.80 24.67 -10.85
C SER D 107 -5.43 23.39 -11.39
N ARG D 108 -5.43 23.23 -12.71
CA ARG D 108 -6.05 22.06 -13.31
C ARG D 108 -5.41 20.76 -12.82
N ASP D 109 -4.12 20.78 -12.54
CA ASP D 109 -3.46 19.59 -12.00
C ASP D 109 -4.08 19.18 -10.67
N ILE D 110 -4.28 20.15 -9.77
CA ILE D 110 -4.93 19.85 -8.50
C ILE D 110 -6.38 19.42 -8.73
N GLN D 111 -7.06 20.09 -9.67
CA GLN D 111 -8.46 19.77 -9.94
C GLN D 111 -8.61 18.34 -10.41
N MET D 112 -7.62 17.80 -11.12
CA MET D 112 -7.68 16.42 -11.54
C MET D 112 -7.19 15.47 -10.46
N ALA D 113 -6.15 15.85 -9.72
CA ALA D 113 -5.63 14.98 -8.68
C ALA D 113 -6.65 14.78 -7.56
N VAL D 114 -7.50 15.77 -7.32
CA VAL D 114 -8.48 15.63 -6.25
C VAL D 114 -9.55 14.61 -6.62
N ARG D 115 -9.95 14.58 -7.89
CA ARG D 115 -10.88 13.54 -8.33
C ARG D 115 -10.18 12.21 -8.53
N LEU D 116 -8.85 12.22 -8.69
CA LEU D 116 -8.13 10.95 -8.75
C LEU D 116 -8.02 10.34 -7.36
N LEU D 117 -7.89 11.16 -6.33
CA LEU D 117 -7.84 10.65 -4.96
C LEU D 117 -9.23 10.38 -4.43
N LEU D 118 -10.06 11.41 -4.35
CA LEU D 118 -11.41 11.26 -3.84
C LEU D 118 -12.34 10.75 -4.93
N PRO D 119 -13.11 9.70 -4.67
CA PRO D 119 -14.07 9.22 -5.67
C PRO D 119 -15.22 10.19 -5.88
N GLY D 120 -16.18 9.79 -6.70
CA GLY D 120 -17.26 10.64 -7.17
C GLY D 120 -17.94 11.58 -6.20
N LYS D 121 -18.56 11.05 -5.15
CA LYS D 121 -19.47 11.84 -4.33
C LYS D 121 -18.77 13.05 -3.73
N MET D 122 -17.78 12.81 -2.86
CA MET D 122 -17.06 13.92 -2.26
C MET D 122 -16.14 14.59 -3.26
N GLY D 123 -15.68 13.85 -4.27
CA GLY D 123 -14.76 14.42 -5.25
C GLY D 123 -15.38 15.58 -6.00
N LYS D 124 -16.58 15.38 -6.56
CA LYS D 124 -17.21 16.44 -7.33
C LYS D 124 -17.62 17.61 -6.45
N LEU D 125 -17.98 17.35 -5.20
CA LEU D 125 -18.30 18.44 -4.29
C LEU D 125 -17.08 19.30 -4.01
N ALA D 126 -15.96 18.66 -3.70
CA ALA D 126 -14.71 19.40 -3.50
C ALA D 126 -14.30 20.15 -4.76
N GLU D 127 -14.48 19.51 -5.92
CA GLU D 127 -14.20 20.15 -7.19
C GLU D 127 -15.01 21.43 -7.34
N ALA D 128 -16.32 21.35 -7.12
CA ALA D 128 -17.17 22.53 -7.24
C ALA D 128 -16.76 23.61 -6.24
N GLN D 129 -16.37 23.21 -5.03
CA GLN D 129 -15.87 24.18 -4.06
C GLN D 129 -14.66 24.92 -4.61
N GLY D 130 -13.70 24.17 -5.15
CA GLY D 130 -12.53 24.81 -5.74
C GLY D 130 -12.87 25.72 -6.89
N THR D 131 -13.80 25.30 -7.75
CA THR D 131 -14.19 26.11 -8.89
C THR D 131 -14.82 27.43 -8.45
N ASN D 132 -15.77 27.37 -7.52
CA ASN D 132 -16.39 28.62 -7.09
C ASN D 132 -15.41 29.49 -6.32
N ALA D 133 -14.45 28.88 -5.63
CA ALA D 133 -13.39 29.67 -5.00
C ALA D 133 -12.56 30.40 -6.05
N ALA D 134 -12.22 29.71 -7.13
CA ALA D 134 -11.49 30.35 -8.22
C ALA D 134 -12.31 31.47 -8.84
N LEU D 135 -13.62 31.26 -8.98
CA LEU D 135 -14.48 32.31 -9.51
C LEU D 135 -14.48 33.53 -8.60
N ARG D 136 -14.60 33.31 -7.29
CA ARG D 136 -14.60 34.44 -6.36
C ARG D 136 -13.26 35.16 -6.36
N THR D 137 -12.17 34.43 -6.55
CA THR D 137 -10.87 35.09 -6.64
C THR D 137 -10.77 35.92 -7.91
N SER D 138 -11.29 35.39 -9.02
CA SER D 138 -11.22 36.12 -10.29
C SER D 138 -12.06 37.40 -10.23
N LEU D 139 -13.31 37.29 -9.77
CA LEU D 139 -14.18 38.46 -9.73
C LEU D 139 -13.75 39.48 -8.69
N CYS D 140 -12.82 39.14 -7.82
CA CYS D 140 -12.29 40.07 -6.81
C CYS D 140 -10.89 40.47 -7.25
N ALA D 141 -10.76 41.68 -7.78
CA ALA D 141 -9.49 42.20 -8.27
C ALA D 141 -9.35 43.64 -7.80
N ILE D 142 -8.38 44.35 -8.38
CA ILE D 142 -8.12 45.74 -8.00
C ILE D 142 -9.37 46.59 -8.23
N TRP D 143 -10.14 46.26 -9.27
CA TRP D 143 -11.40 46.96 -9.52
C TRP D 143 -12.52 46.53 -8.59
N GLN D 144 -12.37 45.38 -7.94
CA GLN D 144 -13.38 44.86 -7.01
C GLN D 144 -14.75 44.73 -7.67
N HIS E 39 -21.79 -17.56 43.69
CA HIS E 39 -22.49 -17.61 42.41
C HIS E 39 -21.54 -17.95 41.27
N ARG E 40 -22.11 -18.30 40.12
CA ARG E 40 -21.32 -18.59 38.93
C ARG E 40 -22.20 -18.36 37.71
N TYR E 41 -21.91 -17.29 36.97
CA TYR E 41 -22.71 -16.98 35.78
C TYR E 41 -22.54 -18.06 34.73
N ARG E 42 -23.58 -18.22 33.90
CA ARG E 42 -23.51 -19.16 32.79
C ARG E 42 -22.44 -18.68 31.81
N PRO E 43 -21.54 -19.56 31.37
CA PRO E 43 -20.45 -19.12 30.46
C PRO E 43 -20.97 -18.42 29.22
N GLY E 44 -20.50 -17.19 29.00
CA GLY E 44 -20.93 -16.40 27.86
C GLY E 44 -21.49 -15.05 28.25
N THR E 45 -22.19 -14.97 29.38
CA THR E 45 -22.82 -13.72 29.78
C THR E 45 -21.77 -12.66 30.11
N VAL E 46 -20.78 -13.01 30.95
CA VAL E 46 -19.75 -12.04 31.31
C VAL E 46 -18.87 -11.73 30.11
N ALA E 47 -18.73 -12.67 29.17
CA ALA E 47 -17.89 -12.45 28.00
C ALA E 47 -18.38 -11.26 27.19
N LEU E 48 -19.68 -11.20 26.92
CA LEU E 48 -20.23 -10.10 26.13
C LEU E 48 -20.01 -8.75 26.81
N ARG E 49 -19.97 -8.72 28.14
CA ARG E 49 -19.85 -7.45 28.85
C ARG E 49 -18.52 -6.78 28.54
N GLU E 50 -17.42 -7.53 28.60
CA GLU E 50 -16.10 -6.96 28.35
C GLU E 50 -15.82 -6.72 26.88
N ILE E 51 -16.78 -6.97 26.00
CA ILE E 51 -16.63 -6.63 24.58
C ILE E 51 -17.27 -5.27 24.34
N ARG E 52 -18.53 -5.10 24.76
CA ARG E 52 -19.20 -3.84 24.57
C ARG E 52 -18.57 -2.73 25.41
N ARG E 53 -17.99 -3.09 26.55
CA ARG E 53 -17.37 -2.08 27.41
C ARG E 53 -16.10 -1.53 26.78
N TYR E 54 -15.18 -2.40 26.37
CA TYR E 54 -13.93 -1.96 25.78
C TYR E 54 -14.10 -1.34 24.41
N GLN E 55 -15.28 -1.49 23.79
CA GLN E 55 -15.53 -0.84 22.51
C GLN E 55 -15.97 0.61 22.67
N LYS E 56 -15.94 1.15 23.88
CA LYS E 56 -16.22 2.55 24.13
C LYS E 56 -15.00 3.30 24.64
N SER E 57 -14.37 2.83 25.71
CA SER E 57 -13.14 3.43 26.19
C SER E 57 -11.99 3.12 25.24
N THR E 58 -10.87 3.80 25.46
CA THR E 58 -9.74 3.63 24.55
C THR E 58 -8.41 3.56 25.29
N GLU E 59 -8.40 3.58 26.62
CA GLU E 59 -7.15 3.48 27.35
C GLU E 59 -6.44 2.18 26.99
N LEU E 60 -5.11 2.19 27.11
CA LEU E 60 -4.31 1.06 26.68
C LEU E 60 -4.68 -0.18 27.47
N LEU E 61 -4.67 -1.33 26.78
CA LEU E 61 -5.01 -2.60 27.40
C LEU E 61 -3.79 -3.39 27.82
N ILE E 62 -2.60 -3.02 27.35
CA ILE E 62 -1.35 -3.67 27.72
C ILE E 62 -0.66 -2.83 28.77
N ARG E 63 -0.17 -3.47 29.82
CA ARG E 63 0.55 -2.75 30.87
C ARG E 63 1.76 -2.04 30.28
N LYS E 64 1.97 -0.80 30.72
CA LYS E 64 2.99 0.04 30.11
C LYS E 64 4.37 -0.57 30.24
N LEU E 65 4.86 -0.72 31.48
CA LEU E 65 6.21 -1.20 31.72
C LEU E 65 6.55 -2.51 31.04
N PRO E 66 5.71 -3.55 31.05
CA PRO E 66 6.09 -4.77 30.33
C PRO E 66 6.26 -4.56 28.84
N PHE E 67 5.35 -3.83 28.20
CA PHE E 67 5.48 -3.57 26.77
C PHE E 67 6.71 -2.73 26.48
N GLN E 68 6.99 -1.74 27.32
CA GLN E 68 8.17 -0.90 27.13
C GLN E 68 9.44 -1.72 27.25
N ARG E 69 9.48 -2.63 28.24
CA ARG E 69 10.63 -3.51 28.40
C ARG E 69 10.78 -4.44 27.20
N LEU E 70 9.66 -4.95 26.68
CA LEU E 70 9.72 -5.80 25.50
C LEU E 70 10.26 -5.03 24.30
N VAL E 71 9.85 -3.77 24.15
CA VAL E 71 10.36 -2.95 23.06
C VAL E 71 11.86 -2.78 23.21
N ARG E 72 12.31 -2.45 24.41
CA ARG E 72 13.74 -2.34 24.66
C ARG E 72 14.47 -3.62 24.27
N GLU E 73 13.90 -4.76 24.64
CA GLU E 73 14.52 -6.05 24.33
C GLU E 73 14.64 -6.24 22.82
N ILE E 74 13.50 -6.22 22.12
CA ILE E 74 13.50 -6.48 20.69
C ILE E 74 14.30 -5.41 19.96
N ALA E 75 14.57 -4.27 20.59
CA ALA E 75 15.36 -3.23 19.95
C ALA E 75 16.86 -3.49 20.09
N GLN E 76 17.31 -3.82 21.29
CA GLN E 76 18.75 -3.84 21.57
C GLN E 76 19.53 -4.74 20.63
N ASP E 77 18.86 -5.67 19.96
CA ASP E 77 19.56 -6.56 19.04
C ASP E 77 20.05 -5.81 17.81
N PHE E 78 19.27 -4.82 17.33
CA PHE E 78 19.67 -4.09 16.14
C PHE E 78 20.83 -3.16 16.43
N LYS E 79 20.64 -2.20 17.34
CA LYS E 79 21.72 -1.34 17.77
C LYS E 79 21.73 -1.34 19.30
N THR E 80 22.91 -1.48 19.88
CA THR E 80 23.01 -1.59 21.33
C THR E 80 22.62 -0.30 22.02
N ASP E 81 22.27 -0.42 23.30
CA ASP E 81 22.06 0.67 24.25
C ASP E 81 21.44 1.91 23.61
N LEU E 82 20.27 1.70 23.00
CA LEU E 82 19.53 2.79 22.38
C LEU E 82 18.82 3.61 23.46
N ARG E 83 18.02 4.57 23.03
CA ARG E 83 17.19 5.36 23.93
C ARG E 83 15.86 5.64 23.24
N PHE E 84 14.83 5.84 24.05
CA PHE E 84 13.49 6.02 23.53
C PHE E 84 12.78 7.15 24.27
N GLN E 85 12.18 8.06 23.53
CA GLN E 85 11.29 9.04 24.13
C GLN E 85 10.00 8.34 24.54
N SER E 86 9.52 8.68 25.75
CA SER E 86 8.27 8.09 26.24
C SER E 86 7.16 8.21 25.20
N SER E 87 7.10 9.34 24.50
CA SER E 87 6.13 9.49 23.43
C SER E 87 6.32 8.41 22.36
N ALA E 88 7.57 8.07 22.05
CA ALA E 88 7.83 7.10 21.01
C ALA E 88 7.31 5.71 21.40
N VAL E 89 7.62 5.26 22.62
CA VAL E 89 7.14 3.95 23.03
C VAL E 89 5.63 3.96 23.18
N MET E 90 5.05 5.08 23.60
CA MET E 90 3.59 5.19 23.61
C MET E 90 3.02 4.99 22.21
N ALA E 91 3.68 5.58 21.21
CA ALA E 91 3.22 5.41 19.84
C ALA E 91 3.35 3.95 19.39
N LEU E 92 4.46 3.30 19.77
CA LEU E 92 4.59 1.88 19.51
C LEU E 92 3.42 1.10 20.09
N GLN E 93 3.08 1.39 21.35
CA GLN E 93 2.00 0.66 21.99
C GLN E 93 0.68 0.91 21.28
N GLU E 94 0.40 2.15 20.90
CA GLU E 94 -0.83 2.46 20.20
C GLU E 94 -0.92 1.71 18.88
N ALA E 95 0.15 1.75 18.09
CA ALA E 95 0.15 1.08 16.80
C ALA E 95 -0.02 -0.42 16.95
N CYS E 96 0.69 -1.01 17.92
CA CYS E 96 0.59 -2.46 18.11
C CYS E 96 -0.80 -2.86 18.58
N GLU E 97 -1.40 -2.05 19.47
CA GLU E 97 -2.76 -2.33 19.90
C GLU E 97 -3.72 -2.29 18.72
N ALA E 98 -3.56 -1.29 17.85
CA ALA E 98 -4.44 -1.20 16.69
C ALA E 98 -4.25 -2.40 15.76
N TYR E 99 -3.00 -2.77 15.50
CA TYR E 99 -2.75 -3.92 14.64
C TYR E 99 -3.33 -5.18 15.23
N LEU E 100 -3.16 -5.38 16.53
CA LEU E 100 -3.68 -6.59 17.17
C LEU E 100 -5.19 -6.63 17.13
N VAL E 101 -5.86 -5.51 17.43
CA VAL E 101 -7.32 -5.54 17.42
C VAL E 101 -7.85 -5.77 16.01
N GLY E 102 -7.16 -5.21 15.00
CA GLY E 102 -7.57 -5.48 13.63
C GLY E 102 -7.42 -6.94 13.27
N LEU E 103 -6.24 -7.52 13.56
CA LEU E 103 -6.02 -8.92 13.26
C LEU E 103 -7.01 -9.81 14.03
N PHE E 104 -7.40 -9.39 15.22
CA PHE E 104 -8.30 -10.21 16.01
C PHE E 104 -9.72 -10.15 15.49
N GLU E 105 -10.20 -8.97 15.08
CA GLU E 105 -11.53 -8.96 14.49
C GLU E 105 -11.55 -9.71 13.16
N ASP E 106 -10.44 -9.67 12.41
CA ASP E 106 -10.37 -10.43 11.17
C ASP E 106 -10.39 -11.93 11.45
N THR E 107 -9.60 -12.39 12.41
CA THR E 107 -9.60 -13.81 12.72
C THR E 107 -10.92 -14.24 13.35
N ASN E 108 -11.63 -13.31 13.99
CA ASN E 108 -12.97 -13.61 14.49
C ASN E 108 -13.92 -13.85 13.34
N LEU E 109 -13.87 -12.98 12.32
CA LEU E 109 -14.62 -13.24 11.10
C LEU E 109 -14.28 -14.60 10.52
N CYS E 110 -12.99 -14.93 10.50
CA CYS E 110 -12.55 -16.23 10.00
C CYS E 110 -13.22 -17.36 10.76
N ALA E 111 -13.05 -17.38 12.08
CA ALA E 111 -13.62 -18.45 12.90
C ALA E 111 -15.13 -18.52 12.76
N ILE E 112 -15.79 -17.38 12.59
CA ILE E 112 -17.23 -17.38 12.35
C ILE E 112 -17.53 -18.11 11.05
N HIS E 113 -16.76 -17.80 10.00
CA HIS E 113 -17.00 -18.42 8.70
C HIS E 113 -16.90 -19.94 8.77
N ALA E 114 -16.13 -20.47 9.72
CA ALA E 114 -16.04 -21.90 9.93
C ALA E 114 -17.13 -22.41 10.85
N LYS E 115 -18.16 -21.60 11.11
CA LYS E 115 -19.29 -21.91 11.97
C LYS E 115 -18.90 -22.14 13.41
N ARG E 116 -17.68 -21.78 13.80
CA ARG E 116 -17.25 -21.86 15.18
C ARG E 116 -17.30 -20.48 15.82
N VAL E 117 -17.22 -20.46 17.15
CA VAL E 117 -17.17 -19.22 17.91
C VAL E 117 -15.91 -19.12 18.75
N THR E 118 -14.94 -20.00 18.51
CA THR E 118 -13.68 -20.02 19.25
C THR E 118 -12.54 -19.87 18.27
N ILE E 119 -11.85 -18.73 18.30
CA ILE E 119 -10.70 -18.54 17.43
C ILE E 119 -9.64 -19.59 17.76
N MET E 120 -8.89 -19.97 16.73
CA MET E 120 -7.87 -21.02 16.84
C MET E 120 -6.66 -20.60 16.03
N PRO E 121 -5.49 -21.17 16.32
CA PRO E 121 -4.28 -20.77 15.58
C PRO E 121 -4.43 -20.83 14.08
N LYS E 122 -5.14 -21.84 13.55
CA LYS E 122 -5.39 -21.90 12.12
C LYS E 122 -6.10 -20.66 11.63
N ASP E 123 -7.00 -20.10 12.45
CA ASP E 123 -7.71 -18.90 12.05
C ASP E 123 -6.75 -17.72 11.92
N ILE E 124 -5.87 -17.55 12.90
CA ILE E 124 -4.87 -16.49 12.82
C ILE E 124 -4.02 -16.66 11.58
N GLN E 125 -3.54 -17.89 11.34
CA GLN E 125 -2.67 -18.13 10.20
C GLN E 125 -3.38 -17.82 8.89
N LEU E 126 -4.64 -18.21 8.77
CA LEU E 126 -5.38 -17.93 7.55
C LEU E 126 -5.59 -16.43 7.37
N ALA E 127 -6.02 -15.75 8.42
CA ALA E 127 -6.24 -14.31 8.32
C ALA E 127 -4.97 -13.56 7.98
N ARG E 128 -3.82 -14.08 8.41
CA ARG E 128 -2.57 -13.43 8.06
C ARG E 128 -2.16 -13.74 6.63
N ARG E 129 -2.38 -14.99 6.19
CA ARG E 129 -2.02 -15.35 4.83
C ARG E 129 -2.84 -14.57 3.82
N ILE E 130 -4.13 -14.39 4.09
CA ILE E 130 -4.97 -13.63 3.15
C ILE E 130 -4.50 -12.20 3.08
N ARG E 131 -4.24 -11.58 4.23
CA ARG E 131 -3.70 -10.22 4.24
C ARG E 131 -2.35 -10.15 3.54
N GLY E 132 -1.62 -11.25 3.48
CA GLY E 132 -0.39 -11.30 2.71
C GLY E 132 0.87 -10.90 3.46
N GLU E 133 1.17 -11.58 4.57
CA GLU E 133 2.45 -11.38 5.23
C GLU E 133 3.11 -12.70 5.62
N ARG E 134 2.64 -13.82 5.07
CA ARG E 134 3.26 -15.11 5.35
C ARG E 134 3.35 -15.99 4.11
N ALA E 135 3.04 -15.47 2.92
CA ALA E 135 3.08 -16.22 1.68
C ALA E 135 2.22 -17.49 1.76
N ARG F 19 25.82 -4.68 31.68
CA ARG F 19 25.25 -3.33 31.67
C ARG F 19 23.74 -3.38 31.86
N LYS F 20 23.02 -3.65 30.78
CA LYS F 20 21.56 -3.69 30.77
C LYS F 20 21.07 -4.94 30.05
N VAL F 21 21.68 -6.09 30.37
CA VAL F 21 21.27 -7.34 29.75
C VAL F 21 19.81 -7.64 30.10
N LEU F 22 19.09 -8.21 29.13
CA LEU F 22 17.68 -8.49 29.27
C LEU F 22 17.37 -9.90 28.79
N ARG F 23 16.34 -10.51 29.36
CA ARG F 23 15.96 -11.86 28.99
C ARG F 23 14.46 -12.06 29.19
N ASP F 24 13.80 -12.56 28.15
CA ASP F 24 12.43 -13.09 28.22
C ASP F 24 11.44 -12.03 28.71
N ASN F 25 11.26 -11.01 27.85
CA ASN F 25 10.20 -10.03 28.05
C ASN F 25 8.94 -10.35 27.25
N ILE F 26 8.99 -11.35 26.37
CA ILE F 26 7.82 -11.69 25.58
C ILE F 26 6.65 -12.07 26.48
N GLN F 27 6.95 -12.61 27.67
CA GLN F 27 5.90 -12.92 28.63
C GLN F 27 5.22 -11.66 29.16
N GLY F 28 5.74 -10.47 28.86
CA GLY F 28 5.09 -9.24 29.28
C GLY F 28 3.67 -9.13 28.76
N ILE F 29 3.42 -9.64 27.56
CA ILE F 29 2.07 -9.65 27.02
C ILE F 29 1.34 -10.83 27.65
N THR F 30 0.70 -10.58 28.78
CA THR F 30 0.12 -11.67 29.57
C THR F 30 -1.20 -12.12 28.98
N LYS F 31 -1.63 -13.30 29.41
CA LYS F 31 -2.85 -13.94 28.95
C LYS F 31 -4.07 -13.02 29.06
N PRO F 32 -4.37 -12.45 30.25
CA PRO F 32 -5.54 -11.58 30.32
C PRO F 32 -5.42 -10.34 29.45
N ALA F 33 -4.21 -9.86 29.19
CA ALA F 33 -4.05 -8.73 28.29
C ALA F 33 -4.47 -9.12 26.87
N ILE F 34 -4.01 -10.28 26.40
CA ILE F 34 -4.43 -10.78 25.09
C ILE F 34 -5.94 -10.96 25.07
N ARG F 35 -6.51 -11.46 26.17
CA ARG F 35 -7.96 -11.67 26.21
C ARG F 35 -8.70 -10.34 26.10
N ARG F 36 -8.23 -9.32 26.81
CA ARG F 36 -8.88 -8.01 26.73
C ARG F 36 -8.75 -7.43 25.33
N LEU F 37 -7.58 -7.60 24.70
CA LEU F 37 -7.40 -7.15 23.32
C LEU F 37 -8.41 -7.83 22.41
N ALA F 38 -8.58 -9.14 22.57
CA ALA F 38 -9.52 -9.87 21.72
C ALA F 38 -10.95 -9.42 21.98
N ARG F 39 -11.31 -9.18 23.24
CA ARG F 39 -12.63 -8.64 23.55
C ARG F 39 -12.85 -7.33 22.82
N ARG F 40 -11.86 -6.45 22.87
CA ARG F 40 -11.92 -5.22 22.09
C ARG F 40 -12.12 -5.53 20.61
N GLY F 41 -11.49 -6.60 20.13
CA GLY F 41 -11.71 -7.02 18.76
C GLY F 41 -13.11 -7.55 18.52
N GLY F 42 -13.76 -8.04 19.56
CA GLY F 42 -15.11 -8.54 19.43
C GLY F 42 -15.23 -10.03 19.15
N VAL F 43 -14.64 -10.85 20.01
CA VAL F 43 -14.71 -12.30 19.89
C VAL F 43 -15.04 -12.89 21.25
N LYS F 44 -15.90 -13.91 21.27
CA LYS F 44 -16.38 -14.46 22.53
C LYS F 44 -15.37 -15.45 23.13
N ARG F 45 -15.12 -16.55 22.44
CA ARG F 45 -14.27 -17.61 22.96
C ARG F 45 -12.86 -17.50 22.43
N ILE F 46 -11.93 -18.13 23.14
CA ILE F 46 -10.50 -18.09 22.80
C ILE F 46 -9.90 -19.44 23.13
N SER F 47 -9.28 -20.07 22.14
CA SER F 47 -8.60 -21.34 22.38
C SER F 47 -7.28 -21.10 23.10
N GLY F 48 -6.89 -22.09 23.91
CA GLY F 48 -5.68 -21.95 24.71
C GLY F 48 -4.43 -21.75 23.89
N LEU F 49 -4.39 -22.31 22.68
CA LEU F 49 -3.21 -22.20 21.84
C LEU F 49 -3.07 -20.85 21.16
N ILE F 50 -4.05 -19.95 21.32
CA ILE F 50 -3.98 -18.65 20.66
C ILE F 50 -2.84 -17.82 21.24
N TYR F 51 -2.53 -18.00 22.51
CA TYR F 51 -1.69 -17.03 23.23
C TYR F 51 -0.28 -16.95 22.64
N GLU F 52 0.45 -18.07 22.66
CA GLU F 52 1.86 -18.00 22.24
C GLU F 52 1.99 -17.59 20.78
N GLU F 53 1.07 -18.02 19.92
CA GLU F 53 1.19 -17.67 18.51
C GLU F 53 0.89 -16.19 18.28
N THR F 54 -0.07 -15.62 19.02
CA THR F 54 -0.29 -14.19 18.87
C THR F 54 0.85 -13.40 19.48
N ARG F 55 1.50 -13.95 20.50
CA ARG F 55 2.74 -13.34 20.99
C ARG F 55 3.78 -13.29 19.88
N GLY F 56 3.95 -14.40 19.17
CA GLY F 56 4.89 -14.42 18.06
C GLY F 56 4.52 -13.44 16.96
N VAL F 57 3.22 -13.30 16.70
CA VAL F 57 2.77 -12.36 15.68
C VAL F 57 3.12 -10.94 16.08
N LEU F 58 2.80 -10.57 17.32
CA LEU F 58 3.21 -9.27 17.84
C LEU F 58 4.72 -9.10 17.75
N LYS F 59 5.46 -10.17 18.01
CA LYS F 59 6.92 -10.09 18.01
C LYS F 59 7.43 -9.75 16.61
N VAL F 60 6.91 -10.42 15.59
CA VAL F 60 7.42 -10.14 14.25
C VAL F 60 6.95 -8.77 13.76
N PHE F 61 5.73 -8.36 14.13
CA PHE F 61 5.27 -7.04 13.76
C PHE F 61 6.18 -5.97 14.35
N LEU F 62 6.43 -6.06 15.65
CA LEU F 62 7.34 -5.12 16.30
C LEU F 62 8.74 -5.22 15.70
N GLU F 63 9.17 -6.42 15.34
CA GLU F 63 10.45 -6.59 14.67
C GLU F 63 10.54 -5.65 13.47
N ASN F 64 9.60 -5.80 12.53
CA ASN F 64 9.65 -4.98 11.33
C ASN F 64 9.55 -3.49 11.66
N VAL F 65 8.60 -3.13 12.53
CA VAL F 65 8.35 -1.72 12.79
C VAL F 65 9.58 -1.05 13.40
N ILE F 66 10.08 -1.62 14.50
CA ILE F 66 11.22 -1.00 15.15
C ILE F 66 12.49 -1.16 14.35
N ARG F 67 12.57 -2.13 13.44
CA ARG F 67 13.73 -2.17 12.57
C ARG F 67 13.75 -0.97 11.65
N ASP F 68 12.61 -0.69 11.01
CA ASP F 68 12.51 0.53 10.21
C ASP F 68 12.80 1.76 11.05
N ALA F 69 12.28 1.80 12.27
CA ALA F 69 12.47 2.95 13.13
C ALA F 69 13.95 3.16 13.46
N VAL F 70 14.63 2.08 13.87
CA VAL F 70 16.03 2.21 14.26
C VAL F 70 16.90 2.53 13.07
N THR F 71 16.53 2.07 11.87
CA THR F 71 17.28 2.49 10.68
C THR F 71 17.09 3.98 10.44
N TYR F 72 15.86 4.46 10.58
CA TYR F 72 15.61 5.90 10.49
C TYR F 72 16.49 6.67 11.46
N THR F 73 16.57 6.20 12.70
CA THR F 73 17.40 6.87 13.70
C THR F 73 18.86 6.87 13.28
N GLU F 74 19.40 5.70 12.94
CA GLU F 74 20.79 5.60 12.57
C GLU F 74 21.12 6.52 11.41
N HIS F 75 20.21 6.67 10.45
CA HIS F 75 20.47 7.58 9.34
C HIS F 75 20.61 9.00 9.82
N ALA F 76 19.91 9.38 10.88
CA ALA F 76 19.97 10.72 11.41
C ALA F 76 21.13 10.94 12.38
N LYS F 77 21.94 9.91 12.61
CA LYS F 77 23.04 9.97 13.56
C LYS F 77 22.55 10.39 14.93
N ARG F 78 21.57 9.65 15.42
CA ARG F 78 20.95 9.89 16.72
C ARG F 78 20.95 8.59 17.52
N LYS F 79 21.50 8.64 18.73
CA LYS F 79 21.51 7.45 19.58
C LYS F 79 20.14 7.16 20.17
N THR F 80 19.20 8.09 20.08
CA THR F 80 17.87 7.91 20.65
C THR F 80 16.83 7.81 19.54
N VAL F 81 15.69 7.23 19.88
CA VAL F 81 14.57 7.11 18.96
C VAL F 81 13.51 8.11 19.38
N THR F 82 12.93 8.79 18.39
CA THR F 82 11.89 9.78 18.65
C THR F 82 10.58 9.34 18.01
N ALA F 83 9.50 9.97 18.45
CA ALA F 83 8.18 9.64 17.92
C ALA F 83 8.10 9.84 16.42
N MET F 84 8.83 10.84 15.90
CA MET F 84 8.83 11.04 14.45
C MET F 84 9.41 9.83 13.73
N ASP F 85 10.44 9.23 14.32
CA ASP F 85 11.05 8.05 13.70
C ASP F 85 10.04 6.93 13.55
N VAL F 86 9.35 6.58 14.64
CA VAL F 86 8.41 5.47 14.58
C VAL F 86 7.20 5.83 13.73
N VAL F 87 6.77 7.10 13.75
CA VAL F 87 5.61 7.43 12.93
C VAL F 87 5.97 7.35 11.46
N TYR F 88 7.22 7.70 11.10
CA TYR F 88 7.64 7.53 9.71
C TYR F 88 7.75 6.06 9.35
N ALA F 89 8.26 5.24 10.27
CA ALA F 89 8.36 3.82 10.01
C ALA F 89 6.97 3.22 9.76
N LEU F 90 6.00 3.59 10.59
CA LEU F 90 4.65 3.06 10.42
C LEU F 90 4.00 3.60 9.15
N LYS F 91 4.23 4.88 8.84
CA LYS F 91 3.73 5.44 7.58
C LYS F 91 4.25 4.65 6.40
N ARG F 92 5.53 4.30 6.41
CA ARG F 92 6.07 3.46 5.34
C ARG F 92 5.47 2.07 5.36
N GLN F 93 5.21 1.52 6.55
CA GLN F 93 4.62 0.20 6.68
C GLN F 93 3.21 0.13 6.11
N GLY F 94 2.67 1.22 5.59
CA GLY F 94 1.29 1.24 5.12
C GLY F 94 0.27 1.36 6.22
N ARG F 95 0.68 1.72 7.43
CA ARG F 95 -0.21 1.91 8.57
C ARG F 95 0.20 3.22 9.23
N THR F 96 -0.39 4.32 8.76
CA THR F 96 0.00 5.63 9.25
C THR F 96 -0.47 5.82 10.69
N LEU F 97 -0.13 6.98 11.25
CA LEU F 97 -0.42 7.28 12.65
C LEU F 97 -0.52 8.78 12.80
N TYR F 98 -1.30 9.20 13.79
CA TYR F 98 -1.55 10.61 14.06
C TYR F 98 -1.24 10.92 15.51
N GLY F 99 -1.48 12.17 15.91
CA GLY F 99 -1.29 12.60 17.27
C GLY F 99 0.14 12.85 17.69
N PHE F 100 1.11 12.61 16.82
CA PHE F 100 2.53 12.84 17.13
C PHE F 100 3.16 13.51 15.91
N GLY F 101 3.15 14.83 15.90
CA GLY F 101 3.74 15.60 14.81
C GLY F 101 3.08 15.39 13.48
N ALA G 12 41.13 14.76 -19.68
CA ALA G 12 40.74 13.96 -20.84
C ALA G 12 40.92 12.48 -20.56
N LYS G 13 41.61 11.80 -21.48
CA LYS G 13 42.04 10.41 -21.34
C LYS G 13 40.87 9.44 -21.48
N ALA G 14 39.64 9.95 -21.52
CA ALA G 14 38.46 9.20 -21.94
C ALA G 14 38.26 7.93 -21.09
N LYS G 15 38.01 8.13 -19.80
CA LYS G 15 37.68 7.03 -18.90
C LYS G 15 36.28 7.21 -18.36
N THR G 16 35.53 6.13 -18.32
CA THR G 16 34.12 6.17 -17.93
C THR G 16 33.94 5.84 -16.46
N ARG G 17 33.03 6.56 -15.80
CA ARG G 17 32.77 6.32 -14.39
C ARG G 17 32.28 4.90 -14.15
N SER G 18 31.36 4.42 -14.99
CA SER G 18 30.94 3.03 -14.91
C SER G 18 32.14 2.08 -15.06
N SER G 19 33.05 2.42 -15.98
CA SER G 19 34.26 1.62 -16.14
C SER G 19 35.13 1.69 -14.90
N ARG G 20 35.25 2.89 -14.30
CA ARG G 20 36.01 3.02 -13.06
C ARG G 20 35.40 2.18 -11.94
N ALA G 21 34.10 2.02 -11.93
CA ALA G 21 33.42 1.24 -10.90
C ALA G 21 33.45 -0.25 -11.18
N GLY G 22 33.95 -0.66 -12.34
CA GLY G 22 33.97 -2.08 -12.67
C GLY G 22 32.60 -2.70 -12.78
N LEU G 23 31.59 -1.89 -13.09
CA LEU G 23 30.22 -2.36 -13.18
C LEU G 23 29.83 -2.56 -14.65
N GLN G 24 28.56 -2.91 -14.87
CA GLN G 24 28.02 -3.00 -16.22
C GLN G 24 26.82 -2.11 -16.45
N PHE G 25 26.39 -1.38 -15.48
CA PHE G 25 25.29 -0.46 -15.66
C PHE G 25 25.82 0.94 -15.96
N PRO G 26 25.08 1.73 -16.73
CA PRO G 26 25.51 3.10 -17.02
C PRO G 26 25.24 4.03 -15.84
N VAL G 27 26.29 4.42 -15.14
CA VAL G 27 26.12 5.28 -13.97
C VAL G 27 25.64 6.65 -14.40
N GLY G 28 26.08 7.14 -15.56
CA GLY G 28 25.59 8.41 -16.06
C GLY G 28 24.10 8.37 -16.33
N ARG G 29 23.60 7.25 -16.82
CA ARG G 29 22.18 7.13 -17.10
C ARG G 29 21.36 7.18 -15.81
N VAL G 30 21.80 6.46 -14.77
CA VAL G 30 21.05 6.51 -13.52
C VAL G 30 21.19 7.88 -12.87
N HIS G 31 22.32 8.56 -13.10
CA HIS G 31 22.45 9.94 -12.62
C HIS G 31 21.41 10.83 -13.28
N ARG G 32 21.24 10.70 -14.60
CA ARG G 32 20.23 11.49 -15.29
C ARG G 32 18.84 11.14 -14.80
N LEU G 33 18.58 9.85 -14.57
CA LEU G 33 17.29 9.45 -14.02
C LEU G 33 17.03 10.11 -12.68
N LEU G 34 18.01 10.04 -11.78
CA LEU G 34 17.88 10.67 -10.47
C LEU G 34 17.56 12.16 -10.61
N ARG G 35 18.41 12.89 -11.33
CA ARG G 35 18.18 14.32 -11.51
C ARG G 35 16.86 14.61 -12.21
N LYS G 36 16.35 13.68 -13.00
CA LYS G 36 15.11 13.90 -13.72
C LYS G 36 13.90 13.65 -12.83
N GLY G 37 13.96 12.62 -11.98
CA GLY G 37 12.86 12.33 -11.09
C GLY G 37 12.66 13.31 -9.96
N ASN G 38 13.48 14.37 -9.90
CA ASN G 38 13.40 15.44 -8.90
C ASN G 38 13.21 14.88 -7.49
N TYR G 39 13.79 13.71 -7.20
CA TYR G 39 13.64 13.10 -5.89
C TYR G 39 14.16 14.02 -4.80
N SER G 40 15.13 14.87 -5.12
CA SER G 40 15.57 15.93 -4.25
C SER G 40 15.95 17.13 -5.13
N GLU G 41 16.56 18.14 -4.51
CA GLU G 41 17.00 19.29 -5.27
C GLU G 41 18.38 19.07 -5.88
N ARG G 42 19.20 18.20 -5.31
CA ARG G 42 20.54 17.96 -5.81
C ARG G 42 20.96 16.55 -5.42
N VAL G 43 21.70 15.90 -6.31
CA VAL G 43 22.19 14.54 -6.08
C VAL G 43 23.66 14.60 -5.74
N GLY G 44 24.12 13.62 -4.99
CA GLY G 44 25.51 13.56 -4.58
C GLY G 44 26.40 12.90 -5.61
N ALA G 45 27.71 12.98 -5.35
CA ALA G 45 28.68 12.39 -6.27
C ALA G 45 28.54 10.89 -6.32
N GLY G 46 28.74 10.21 -5.18
CA GLY G 46 28.73 8.77 -5.16
C GLY G 46 27.36 8.13 -5.15
N ALA G 47 26.30 8.91 -5.03
CA ALA G 47 24.95 8.35 -4.98
C ALA G 47 24.60 7.58 -6.24
N PRO G 48 24.79 8.11 -7.46
CA PRO G 48 24.50 7.30 -8.64
C PRO G 48 25.38 6.08 -8.74
N VAL G 49 26.62 6.16 -8.28
CA VAL G 49 27.50 4.99 -8.30
C VAL G 49 26.92 3.88 -7.42
N TYR G 50 26.54 4.23 -6.20
CA TYR G 50 25.96 3.24 -5.29
C TYR G 50 24.66 2.69 -5.86
N LEU G 51 23.85 3.54 -6.47
CA LEU G 51 22.59 3.08 -7.04
C LEU G 51 22.84 2.12 -8.19
N ALA G 52 23.79 2.42 -9.06
CA ALA G 52 24.13 1.51 -10.14
C ALA G 52 24.63 0.19 -9.59
N ALA G 53 25.45 0.23 -8.55
CA ALA G 53 25.95 -1.00 -7.97
C ALA G 53 24.82 -1.87 -7.45
N VAL G 54 23.93 -1.29 -6.64
CA VAL G 54 22.85 -2.08 -6.06
C VAL G 54 21.89 -2.59 -7.13
N LEU G 55 21.65 -1.77 -8.16
CA LEU G 55 20.76 -2.21 -9.23
C LEU G 55 21.39 -3.35 -10.01
N GLU G 56 22.69 -3.28 -10.30
CA GLU G 56 23.32 -4.37 -11.02
C GLU G 56 23.34 -5.64 -10.18
N TYR G 57 23.53 -5.52 -8.88
CA TYR G 57 23.48 -6.71 -8.04
C TYR G 57 22.09 -7.34 -8.07
N LEU G 58 21.05 -6.52 -7.93
CA LEU G 58 19.69 -7.04 -8.00
C LEU G 58 19.44 -7.72 -9.34
N THR G 59 19.88 -7.09 -10.42
CA THR G 59 19.68 -7.65 -11.75
C THR G 59 20.39 -9.00 -11.89
N ALA G 60 21.65 -9.04 -11.47
CA ALA G 60 22.41 -10.29 -11.56
C ALA G 60 21.72 -11.38 -10.75
N GLU G 61 21.24 -11.06 -9.56
CA GLU G 61 20.61 -12.08 -8.73
C GLU G 61 19.34 -12.61 -9.37
N ILE G 62 18.45 -11.70 -9.78
CA ILE G 62 17.17 -12.16 -10.34
C ILE G 62 17.39 -12.89 -11.66
N LEU G 63 18.36 -12.44 -12.46
CA LEU G 63 18.64 -13.11 -13.72
C LEU G 63 19.25 -14.48 -13.49
N GLU G 64 20.10 -14.63 -12.48
CA GLU G 64 20.63 -15.95 -12.16
C GLU G 64 19.51 -16.89 -11.73
N LEU G 65 18.60 -16.41 -10.89
CA LEU G 65 17.49 -17.25 -10.46
C LEU G 65 16.61 -17.64 -11.64
N ALA G 66 16.31 -16.69 -12.52
CA ALA G 66 15.49 -17.00 -13.69
C ALA G 66 16.22 -17.95 -14.63
N GLY G 67 17.53 -17.78 -14.78
CA GLY G 67 18.29 -18.68 -15.62
C GLY G 67 18.25 -20.10 -15.10
N ASN G 68 18.35 -20.27 -13.78
CA ASN G 68 18.17 -21.60 -13.20
C ASN G 68 16.76 -22.12 -13.49
N ALA G 69 15.75 -21.33 -13.17
CA ALA G 69 14.36 -21.75 -13.31
C ALA G 69 13.97 -21.98 -14.77
N ALA G 70 14.79 -21.55 -15.72
CA ALA G 70 14.56 -21.83 -17.13
C ALA G 70 15.38 -23.02 -17.61
N ARG G 71 16.68 -23.03 -17.32
CA ARG G 71 17.53 -24.11 -17.78
C ARG G 71 17.10 -25.45 -17.20
N ASP G 72 16.59 -25.47 -15.95
CA ASP G 72 16.06 -26.72 -15.43
C ASP G 72 14.81 -27.15 -16.19
N ASN G 73 14.08 -26.20 -16.78
CA ASN G 73 12.89 -26.50 -17.56
C ASN G 73 13.22 -26.88 -19.00
N LYS G 74 14.48 -27.26 -19.27
CA LYS G 74 14.92 -27.74 -20.57
C LYS G 74 14.73 -26.72 -21.67
N LYS G 75 14.77 -25.43 -21.34
CA LYS G 75 14.67 -24.37 -22.32
C LYS G 75 15.80 -23.37 -22.10
N THR G 76 16.26 -22.77 -23.20
CA THR G 76 17.39 -21.86 -23.18
C THR G 76 16.99 -20.49 -23.70
N ARG G 77 15.85 -19.98 -23.24
CA ARG G 77 15.39 -18.65 -23.64
C ARG G 77 14.50 -18.12 -22.52
N ILE G 78 15.00 -17.12 -21.80
CA ILE G 78 14.27 -16.59 -20.66
C ILE G 78 13.05 -15.83 -21.12
N ILE G 79 11.89 -16.21 -20.61
CA ILE G 79 10.63 -15.51 -20.89
C ILE G 79 10.02 -15.12 -19.56
N PRO G 80 9.11 -14.14 -19.55
CA PRO G 80 8.52 -13.68 -18.28
C PRO G 80 8.02 -14.79 -17.37
N ARG G 81 7.59 -15.92 -17.93
CA ARG G 81 7.22 -17.08 -17.11
C ARG G 81 8.35 -17.43 -16.16
N HIS G 82 9.56 -17.53 -16.69
CA HIS G 82 10.70 -17.87 -15.85
C HIS G 82 11.02 -16.75 -14.87
N LEU G 83 10.77 -15.50 -15.24
CA LEU G 83 10.98 -14.41 -14.32
C LEU G 83 10.06 -14.55 -13.11
N GLN G 84 8.79 -14.85 -13.34
CA GLN G 84 7.89 -15.00 -12.20
C GLN G 84 8.19 -16.27 -11.43
N LEU G 85 8.67 -17.32 -12.09
CA LEU G 85 9.23 -18.45 -11.36
C LEU G 85 10.28 -17.98 -10.36
N ALA G 86 11.27 -17.23 -10.85
CA ALA G 86 12.37 -16.82 -9.99
C ALA G 86 11.88 -15.91 -8.87
N ILE G 87 10.89 -15.07 -9.16
CA ILE G 87 10.40 -14.14 -8.14
C ILE G 87 9.63 -14.89 -7.06
N ARG G 88 8.69 -15.76 -7.46
CA ARG G 88 7.89 -16.48 -6.48
C ARG G 88 8.71 -17.49 -5.70
N ASN G 89 9.79 -18.01 -6.29
CA ASN G 89 10.60 -19.01 -5.64
C ASN G 89 11.65 -18.42 -4.70
N ASP G 90 11.47 -17.18 -4.27
CA ASP G 90 12.36 -16.55 -3.31
C ASP G 90 11.53 -15.74 -2.34
N GLU G 91 11.90 -15.82 -1.05
CA GLU G 91 11.16 -15.09 -0.03
C GLU G 91 11.50 -13.61 -0.04
N GLU G 92 12.78 -13.27 -0.22
CA GLU G 92 13.17 -11.87 -0.22
C GLU G 92 12.59 -11.14 -1.43
N LEU G 93 12.76 -11.72 -2.62
CA LEU G 93 12.18 -11.12 -3.82
C LEU G 93 10.67 -10.97 -3.68
N ASN G 94 10.01 -11.99 -3.13
CA ASN G 94 8.59 -11.90 -2.85
C ASN G 94 8.28 -10.69 -1.98
N LYS G 95 8.95 -10.60 -0.83
CA LYS G 95 8.74 -9.47 0.08
C LYS G 95 8.99 -8.14 -0.63
N LEU G 96 9.81 -8.15 -1.69
CA LEU G 96 10.03 -6.93 -2.45
C LEU G 96 9.07 -6.80 -3.62
N LEU G 97 8.77 -7.89 -4.32
CA LEU G 97 7.97 -7.82 -5.54
C LEU G 97 6.70 -8.65 -5.47
N GLY G 98 6.26 -9.02 -4.27
CA GLY G 98 5.02 -9.79 -4.14
C GLY G 98 3.79 -9.04 -4.60
N ARG G 99 3.87 -7.72 -4.71
CA ARG G 99 2.76 -6.91 -5.16
C ARG G 99 2.85 -6.56 -6.64
N VAL G 100 3.45 -7.44 -7.44
CA VAL G 100 3.64 -7.22 -8.86
C VAL G 100 3.05 -8.38 -9.64
N THR G 101 2.40 -8.07 -10.74
CA THR G 101 1.83 -9.08 -11.65
C THR G 101 2.59 -8.98 -12.96
N ILE G 102 3.54 -9.89 -13.17
CA ILE G 102 4.32 -9.88 -14.40
C ILE G 102 3.42 -10.16 -15.58
N ALA G 103 3.66 -9.45 -16.68
CA ALA G 103 2.93 -9.70 -17.91
C ALA G 103 3.06 -11.17 -18.32
N GLN G 104 2.01 -11.67 -18.96
CA GLN G 104 1.92 -13.07 -19.37
C GLN G 104 1.99 -14.00 -18.16
N GLY G 105 1.72 -13.45 -16.98
CA GLY G 105 1.48 -14.20 -15.76
C GLY G 105 2.37 -15.42 -15.58
N GLY G 106 1.73 -16.56 -15.33
CA GLY G 106 2.45 -17.77 -15.00
C GLY G 106 2.57 -18.00 -13.51
N VAL G 107 1.43 -18.01 -12.81
CA VAL G 107 1.36 -18.24 -11.38
C VAL G 107 2.08 -19.54 -11.03
N LEU G 108 2.71 -19.57 -9.86
CA LEU G 108 3.45 -20.74 -9.43
C LEU G 108 2.53 -21.95 -9.37
N PRO G 109 3.01 -23.12 -9.80
CA PRO G 109 2.18 -24.33 -9.74
C PRO G 109 2.19 -24.94 -8.34
N ASN G 110 1.04 -24.93 -7.70
CA ASN G 110 0.89 -25.55 -6.38
C ASN G 110 -0.54 -26.07 -6.24
N ILE G 111 -0.69 -27.10 -5.43
CA ILE G 111 -1.98 -27.72 -5.18
C ILE G 111 -2.12 -27.97 -3.68
N GLN G 112 -3.29 -27.64 -3.14
CA GLN G 112 -3.55 -27.91 -1.73
C GLN G 112 -3.68 -29.41 -1.49
N ALA G 113 -2.92 -29.91 -0.51
CA ALA G 113 -2.81 -31.35 -0.31
C ALA G 113 -4.16 -32.00 -0.01
N VAL G 114 -5.09 -31.26 0.61
CA VAL G 114 -6.37 -31.84 0.95
C VAL G 114 -7.16 -32.18 -0.31
N LEU G 115 -6.94 -31.46 -1.41
CA LEU G 115 -7.66 -31.72 -2.64
C LEU G 115 -7.21 -33.01 -3.32
N LEU G 116 -6.03 -33.52 -2.98
CA LEU G 116 -5.54 -34.72 -3.63
C LEU G 116 -6.42 -35.90 -3.27
N PRO G 117 -6.52 -36.91 -4.14
CA PRO G 117 -7.36 -38.07 -3.84
C PRO G 117 -6.70 -38.98 -2.80
N LYS G 118 -7.33 -40.12 -2.53
CA LYS G 118 -6.81 -41.06 -1.54
C LYS G 118 -5.47 -41.65 -1.97
N GLY H 50 13.97 6.81 -26.00
CA GLY H 50 14.33 7.15 -24.63
C GLY H 50 15.57 6.43 -24.14
N ASP H 51 15.94 6.68 -22.90
CA ASP H 51 17.11 6.07 -22.28
C ASP H 51 16.67 5.08 -21.22
N SER H 52 17.14 3.84 -21.35
CA SER H 52 16.78 2.78 -20.41
C SER H 52 17.96 1.82 -20.31
N PHE H 53 17.69 0.64 -19.74
CA PHE H 53 18.74 -0.34 -19.47
C PHE H 53 18.70 -1.54 -20.41
N THR H 54 17.81 -1.53 -21.40
CA THR H 54 17.65 -2.68 -22.28
C THR H 54 18.95 -3.16 -22.93
N PRO H 55 19.87 -2.33 -23.39
CA PRO H 55 21.10 -2.85 -23.99
C PRO H 55 22.11 -3.40 -22.98
N TYR H 56 21.75 -3.51 -21.71
CA TYR H 56 22.67 -3.95 -20.67
C TYR H 56 22.33 -5.32 -20.10
N PHE H 57 21.06 -5.68 -20.06
CA PHE H 57 20.66 -6.99 -19.56
C PHE H 57 21.41 -8.15 -20.21
N PRO H 58 21.60 -8.18 -21.54
CA PRO H 58 22.42 -9.28 -22.10
C PRO H 58 23.83 -9.28 -21.55
N ARG H 59 24.43 -8.11 -21.37
CA ARG H 59 25.77 -8.04 -20.82
C ARG H 59 25.86 -8.70 -19.46
N VAL H 60 25.02 -8.24 -18.52
CA VAL H 60 25.07 -8.80 -17.16
C VAL H 60 24.68 -10.26 -17.16
N LEU H 61 23.77 -10.67 -18.04
CA LEU H 61 23.39 -12.08 -18.11
C LEU H 61 24.57 -12.93 -18.52
N LYS H 62 25.31 -12.50 -19.56
CA LYS H 62 26.40 -13.29 -20.09
C LYS H 62 27.45 -13.66 -19.04
N GLN H 63 27.54 -12.90 -17.96
CA GLN H 63 28.56 -13.17 -16.95
C GLN H 63 28.09 -14.14 -15.87
N VAL H 64 26.81 -14.52 -15.87
CA VAL H 64 26.27 -15.45 -14.89
C VAL H 64 25.74 -16.72 -15.54
N HIS H 65 25.11 -16.60 -16.71
CA HIS H 65 24.48 -17.72 -17.40
C HIS H 65 24.83 -17.71 -18.87
N GLN H 66 26.13 -17.62 -19.17
CA GLN H 66 26.65 -17.37 -20.50
C GLN H 66 25.97 -18.16 -21.61
N GLY H 67 25.45 -19.34 -21.31
CA GLY H 67 24.76 -20.12 -22.31
C GLY H 67 23.26 -19.88 -22.33
N LEU H 68 22.84 -18.62 -22.34
CA LEU H 68 21.43 -18.29 -22.29
C LEU H 68 21.18 -17.04 -23.14
N SER H 69 19.91 -16.62 -23.19
CA SER H 69 19.52 -15.45 -23.96
C SER H 69 18.13 -15.01 -23.54
N LEU H 70 17.93 -13.69 -23.48
CA LEU H 70 16.64 -13.13 -23.13
C LEU H 70 15.73 -13.12 -24.35
N SER H 71 14.43 -13.02 -24.08
CA SER H 71 13.44 -12.87 -25.13
C SER H 71 13.33 -11.39 -25.51
N GLN H 72 12.35 -11.05 -26.35
CA GLN H 72 12.14 -9.67 -26.73
C GLN H 72 11.29 -8.92 -25.73
N GLU H 73 10.53 -9.63 -24.90
CA GLU H 73 9.72 -9.01 -23.85
C GLU H 73 10.32 -9.18 -22.46
N ALA H 74 11.08 -10.24 -22.22
CA ALA H 74 11.78 -10.38 -20.96
C ALA H 74 12.64 -9.16 -20.68
N VAL H 75 13.31 -8.64 -21.71
CA VAL H 75 14.08 -7.42 -21.53
C VAL H 75 13.17 -6.26 -21.15
N SER H 76 11.97 -6.22 -21.71
CA SER H 76 11.05 -5.11 -21.42
C SER H 76 10.58 -5.15 -19.97
N VAL H 77 10.12 -6.31 -19.51
CA VAL H 77 9.67 -6.42 -18.13
C VAL H 77 10.82 -6.20 -17.17
N MET H 78 12.01 -6.72 -17.50
CA MET H 78 13.17 -6.47 -16.64
C MET H 78 13.48 -4.98 -16.56
N ASP H 79 13.38 -4.28 -17.68
CA ASP H 79 13.65 -2.84 -17.69
C ASP H 79 12.62 -2.10 -16.85
N SER H 80 11.35 -2.44 -16.99
CA SER H 80 10.32 -1.79 -16.18
C SER H 80 10.55 -2.05 -14.69
N MET H 81 10.95 -3.27 -14.36
CA MET H 81 11.19 -3.61 -12.96
C MET H 81 12.36 -2.81 -12.41
N ILE H 82 13.46 -2.77 -13.15
CA ILE H 82 14.60 -1.97 -12.71
C ILE H 82 14.21 -0.52 -12.56
N HIS H 83 13.43 0.00 -13.51
CA HIS H 83 13.01 1.40 -13.43
C HIS H 83 12.22 1.68 -12.17
N ASP H 84 11.23 0.83 -11.87
CA ASP H 84 10.37 1.18 -10.74
C ASP H 84 11.06 0.90 -9.41
N ILE H 85 11.95 -0.09 -9.32
CA ILE H 85 12.65 -0.28 -8.06
C ILE H 85 13.67 0.83 -7.87
N LEU H 86 14.28 1.32 -8.95
CA LEU H 86 15.16 2.47 -8.82
C LEU H 86 14.37 3.69 -8.35
N ASP H 87 13.18 3.89 -8.92
CA ASP H 87 12.35 5.01 -8.48
C ASP H 87 11.97 4.86 -7.02
N ARG H 88 11.67 3.64 -6.59
CA ARG H 88 11.33 3.40 -5.19
C ARG H 88 12.49 3.76 -4.27
N ILE H 89 13.67 3.23 -4.56
CA ILE H 89 14.85 3.53 -3.75
C ILE H 89 15.12 5.03 -3.76
N ALA H 90 14.96 5.67 -4.91
CA ALA H 90 15.26 7.09 -5.04
C ALA H 90 14.31 7.91 -4.18
N THR H 91 13.01 7.67 -4.30
CA THR H 91 12.06 8.45 -3.51
C THR H 91 12.21 8.16 -2.03
N GLU H 92 12.58 6.92 -1.67
CA GLU H 92 12.85 6.63 -0.27
C GLU H 92 14.02 7.47 0.23
N ALA H 93 15.13 7.46 -0.49
CA ALA H 93 16.28 8.26 -0.10
C ALA H 93 15.93 9.75 -0.06
N GLY H 94 15.06 10.20 -0.95
CA GLY H 94 14.68 11.59 -0.98
C GLY H 94 13.89 12.01 0.23
N GLN H 95 12.78 11.32 0.48
CA GLN H 95 11.99 11.64 1.67
C GLN H 95 12.68 11.20 2.95
N LEU H 96 13.83 10.54 2.84
CA LEU H 96 14.69 10.28 4.00
C LEU H 96 15.60 11.47 4.28
N ALA H 97 16.26 11.98 3.24
CA ALA H 97 17.10 13.17 3.40
C ALA H 97 16.25 14.38 3.79
N HIS H 98 14.99 14.41 3.37
CA HIS H 98 14.12 15.49 3.80
C HIS H 98 13.91 15.48 5.30
N TYR H 99 13.80 14.28 5.89
CA TYR H 99 13.55 14.19 7.32
C TYR H 99 14.69 14.79 8.12
N THR H 100 15.93 14.50 7.74
CA THR H 100 17.10 15.06 8.40
C THR H 100 17.39 16.49 7.96
N LYS H 101 16.43 17.14 7.31
CA LYS H 101 16.47 18.53 6.87
C LYS H 101 17.54 18.80 5.82
N ARG H 102 18.29 17.80 5.39
CA ARG H 102 19.20 17.99 4.28
C ARG H 102 18.42 18.03 2.97
N VAL H 103 19.02 18.65 1.96
CA VAL H 103 18.37 18.81 0.67
C VAL H 103 19.02 17.99 -0.42
N THR H 104 20.20 17.42 -0.19
CA THR H 104 20.89 16.62 -1.18
C THR H 104 20.57 15.14 -0.99
N ILE H 105 21.23 14.30 -1.78
CA ILE H 105 21.10 12.85 -1.67
C ILE H 105 22.51 12.28 -1.88
N THR H 106 23.06 11.66 -0.84
CA THR H 106 24.42 11.15 -0.89
C THR H 106 24.38 9.62 -0.92
N SER H 107 25.57 9.03 -1.12
CA SER H 107 25.68 7.58 -1.12
C SER H 107 25.20 6.99 0.20
N ARG H 108 25.47 7.69 1.30
CA ARG H 108 24.97 7.22 2.59
C ARG H 108 23.45 7.19 2.64
N ASP H 109 22.80 8.17 2.00
CA ASP H 109 21.34 8.16 1.94
C ASP H 109 20.83 6.94 1.20
N ILE H 110 21.45 6.63 0.06
CA ILE H 110 21.04 5.45 -0.69
C ILE H 110 21.29 4.19 0.11
N GLN H 111 22.42 4.13 0.83
CA GLN H 111 22.73 2.98 1.66
C GLN H 111 21.66 2.77 2.73
N MET H 112 21.34 3.83 3.46
CA MET H 112 20.30 3.73 4.48
C MET H 112 18.96 3.35 3.88
N ALA H 113 18.63 3.94 2.72
CA ALA H 113 17.34 3.65 2.11
C ALA H 113 17.24 2.19 1.69
N VAL H 114 18.31 1.65 1.10
CA VAL H 114 18.23 0.27 0.61
C VAL H 114 18.25 -0.70 1.78
N ARG H 115 18.94 -0.36 2.87
CA ARG H 115 18.88 -1.22 4.04
C ARG H 115 17.53 -1.16 4.71
N LEU H 116 16.88 0.00 4.65
CA LEU H 116 15.54 0.17 5.21
C LEU H 116 14.46 -0.42 4.31
N LEU H 117 14.77 -0.66 3.04
CA LEU H 117 13.81 -1.20 2.09
C LEU H 117 13.95 -2.69 1.89
N LEU H 118 15.10 -3.27 2.21
CA LEU H 118 15.32 -4.69 2.03
C LEU H 118 15.58 -5.38 3.36
N PRO H 119 15.20 -6.65 3.48
CA PRO H 119 15.51 -7.40 4.70
C PRO H 119 16.98 -7.78 4.78
N GLY H 120 17.32 -8.59 5.77
CA GLY H 120 18.70 -8.90 6.11
C GLY H 120 19.63 -9.35 4.99
N LYS H 121 19.41 -10.53 4.42
CA LYS H 121 20.42 -11.16 3.59
C LYS H 121 20.71 -10.33 2.34
N MET H 122 19.70 -10.18 1.47
CA MET H 122 19.90 -9.44 0.23
C MET H 122 20.25 -8.00 0.51
N GLY H 123 19.72 -7.43 1.58
CA GLY H 123 20.09 -6.10 1.99
C GLY H 123 21.57 -5.96 2.19
N LYS H 124 22.12 -6.77 3.11
CA LYS H 124 23.55 -6.70 3.41
C LYS H 124 24.39 -7.00 2.18
N LEU H 125 23.95 -7.92 1.33
CA LEU H 125 24.72 -8.21 0.11
C LEU H 125 24.74 -6.99 -0.80
N ALA H 126 23.62 -6.29 -0.90
CA ALA H 126 23.58 -5.06 -1.69
C ALA H 126 24.49 -4.00 -1.09
N GLU H 127 24.51 -3.88 0.23
CA GLU H 127 25.41 -2.94 0.89
C GLU H 127 26.86 -3.26 0.53
N ALA H 128 27.22 -4.55 0.59
CA ALA H 128 28.57 -4.96 0.25
C ALA H 128 28.91 -4.58 -1.18
N GLN H 129 28.01 -4.87 -2.12
CA GLN H 129 28.25 -4.52 -3.51
C GLN H 129 28.45 -3.02 -3.68
N GLY H 130 27.59 -2.22 -3.05
CA GLY H 130 27.68 -0.79 -3.17
C GLY H 130 28.98 -0.24 -2.60
N THR H 131 29.38 -0.75 -1.43
CA THR H 131 30.62 -0.30 -0.83
C THR H 131 31.82 -0.70 -1.69
N ASN H 132 31.80 -1.90 -2.25
CA ASN H 132 32.87 -2.31 -3.14
C ASN H 132 32.97 -1.37 -4.34
N ALA H 133 31.83 -1.04 -4.94
CA ALA H 133 31.85 -0.11 -6.07
C ALA H 133 32.37 1.26 -5.64
N ALA H 134 31.93 1.73 -4.48
CA ALA H 134 32.36 3.04 -4.00
C ALA H 134 33.87 3.09 -3.83
N LEU H 135 34.44 2.09 -3.13
CA LEU H 135 35.89 2.09 -2.94
C LEU H 135 36.62 1.90 -4.26
N ARG H 136 36.05 1.13 -5.19
CA ARG H 136 36.68 0.97 -6.50
C ARG H 136 36.79 2.30 -7.21
N THR H 137 35.70 3.07 -7.25
CA THR H 137 35.77 4.40 -7.84
C THR H 137 36.75 5.28 -7.07
N SER H 138 36.77 5.18 -5.75
CA SER H 138 37.71 5.95 -4.95
C SER H 138 39.15 5.65 -5.30
N LEU H 139 39.44 4.42 -5.73
CA LEU H 139 40.81 4.07 -6.12
C LEU H 139 41.32 4.92 -7.28
N CYS H 140 40.54 5.04 -8.35
CA CYS H 140 40.96 5.83 -9.50
C CYS H 140 40.64 7.30 -9.30
#